data_4DKO
#
_entry.id   4DKO
#
_cell.length_a   64.723
_cell.length_b   68.902
_cell.length_c   94.515
_cell.angle_alpha   90.000
_cell.angle_beta   91.230
_cell.angle_gamma   90.000
#
_symmetry.space_group_name_H-M   'P 1 21 1'
#
loop_
_entity.id
_entity.type
_entity.pdbx_description
1 polymer 'HIV-1 gp120 core'
2 non-polymer 2-acetamido-2-deoxy-beta-D-glucopyranose
3 non-polymer '4-(2-HYDROXYETHYL)-1-PIPERAZINE ETHANESULFONIC ACID'
4 non-polymer "N-(4-chloro-3-fluorophenyl)-N'-(1,2,2,6,6-pentamethylpiperidin-4-yl)ethanediamide"
5 water water
#
_entity_poly.entity_id   1
_entity_poly.type   'polypeptide(L)'
_entity_poly.pdbx_seq_one_letter_code
;VWKDADTTLFCASDAKAHETEVHNVWATHACVPTDPNPQEIHLENVTENFNMWKNNMVEQMQEDVISLWDQSLQPCVKLT
GGSVIKQACPKISFDPIPIHYCTPAGYVILKCNDKNFNGTGPCKNVSSVQCTHGIKPVVSTQLLLNGSLAEEEIIIRSEN
LTNNAKTIIVHLNKSVEINCTRPSNGGSGSGGDIRKAYCEINGTKWNKVLKQVTEKLKEHFNNKTIIFQPPSGGDLEITM
HSFNCRGEFFYCNTTQLFNNTCIGNETMKGCNGTITLPCKIKQIINMWQGTGQAMYAPPIDGKINCVSNITGILLTRDGG
ANNTSNETFRPGGGNIKDNWRSELYKYKVVQIE
;
_entity_poly.pdbx_strand_id   A,C
#
# COMPACT_ATOMS: atom_id res chain seq x y z
N VAL A 1 21.22 3.67 -32.21
CA VAL A 1 21.54 4.54 -31.08
C VAL A 1 20.58 5.72 -31.04
N TRP A 2 20.01 5.98 -29.87
CA TRP A 2 19.00 7.02 -29.72
C TRP A 2 19.16 7.83 -28.43
N LYS A 3 18.35 8.87 -28.30
CA LYS A 3 18.32 9.68 -27.09
C LYS A 3 16.92 10.25 -26.88
N ASP A 4 16.58 10.56 -25.63
CA ASP A 4 15.31 11.17 -25.31
C ASP A 4 15.16 12.50 -26.03
N ALA A 5 13.99 12.73 -26.62
CA ALA A 5 13.73 13.96 -27.37
C ALA A 5 12.24 14.20 -27.55
N ASP A 6 11.89 15.45 -27.80
CA ASP A 6 10.52 15.81 -28.12
C ASP A 6 10.44 16.22 -29.58
N THR A 7 9.31 15.95 -30.22
CA THR A 7 9.11 16.36 -31.61
C THR A 7 7.63 16.51 -31.91
N THR A 8 7.33 17.04 -33.08
CA THR A 8 5.94 17.22 -33.52
C THR A 8 5.33 15.88 -33.91
N LEU A 9 4.39 15.40 -33.10
CA LEU A 9 3.72 14.15 -33.39
C LEU A 9 2.57 14.39 -34.37
N PHE A 10 2.19 13.35 -35.11
CA PHE A 10 0.95 13.39 -35.87
C PHE A 10 0.02 12.30 -35.38
N CYS A 11 -1.22 12.33 -35.82
CA CYS A 11 -2.20 11.35 -35.34
C CYS A 11 -2.77 10.49 -36.45
N ALA A 12 -3.23 9.29 -36.07
CA ALA A 12 -3.86 8.37 -37.00
C ALA A 12 -5.15 7.85 -36.39
N SER A 13 -6.15 7.60 -37.22
CA SER A 13 -7.43 7.08 -36.74
C SER A 13 -8.18 6.32 -37.85
N ASP A 14 -9.28 5.68 -37.46
CA ASP A 14 -10.13 4.98 -38.42
C ASP A 14 -11.43 5.76 -38.63
N ALA A 15 -11.34 7.08 -38.55
CA ALA A 15 -12.50 7.96 -38.69
C ALA A 15 -13.19 7.80 -40.05
N LYS A 16 -14.50 8.00 -40.06
CA LYS A 16 -15.27 7.94 -41.30
C LYS A 16 -15.57 9.35 -41.81
N ALA A 17 -15.26 9.59 -43.09
CA ALA A 17 -15.43 10.91 -43.68
C ALA A 17 -16.90 11.28 -43.87
N HIS A 18 -17.78 10.29 -43.80
CA HIS A 18 -19.21 10.54 -44.00
C HIS A 18 -19.96 10.70 -42.68
N GLU A 19 -19.30 10.44 -41.56
CA GLU A 19 -19.92 10.60 -40.25
C GLU A 19 -20.05 12.06 -39.85
N THR A 20 -21.12 12.39 -39.13
CA THR A 20 -21.33 13.73 -38.62
C THR A 20 -20.84 13.82 -37.17
N GLU A 21 -20.54 12.66 -36.59
CA GLU A 21 -20.00 12.60 -35.24
C GLU A 21 -18.72 13.43 -35.17
N VAL A 22 -18.62 14.28 -34.15
CA VAL A 22 -17.59 15.30 -34.10
C VAL A 22 -16.15 14.81 -34.01
N HIS A 23 -15.93 13.68 -33.32
CA HIS A 23 -14.59 13.11 -33.26
C HIS A 23 -14.16 12.60 -34.62
N ASN A 24 -15.13 12.02 -35.35
CA ASN A 24 -14.88 11.59 -36.72
C ASN A 24 -14.56 12.76 -37.63
N VAL A 25 -15.34 13.84 -37.50
CA VAL A 25 -15.12 15.04 -38.30
C VAL A 25 -13.74 15.63 -38.04
N TRP A 26 -13.37 15.73 -36.76
CA TRP A 26 -12.07 16.28 -36.39
C TRP A 26 -10.93 15.43 -36.93
N ALA A 27 -10.98 14.12 -36.66
CA ALA A 27 -9.92 13.21 -37.07
C ALA A 27 -9.82 13.07 -38.58
N THR A 28 -10.94 13.25 -39.28
CA THR A 28 -10.94 13.19 -40.74
C THR A 28 -10.07 14.30 -41.34
N HIS A 29 -10.11 15.47 -40.71
CA HIS A 29 -9.36 16.61 -41.20
C HIS A 29 -7.99 16.76 -40.52
N ALA A 30 -7.81 16.11 -39.38
CA ALA A 30 -6.61 16.30 -38.58
C ALA A 30 -5.71 15.06 -38.46
N CYS A 31 -6.21 13.90 -38.87
CA CYS A 31 -5.43 12.66 -38.76
C CYS A 31 -5.36 11.92 -40.09
N VAL A 32 -4.41 10.98 -40.19
CA VAL A 32 -4.30 10.12 -41.36
C VAL A 32 -4.87 8.74 -41.01
N PRO A 33 -5.16 7.91 -42.04
CA PRO A 33 -5.61 6.55 -41.75
C PRO A 33 -4.56 5.74 -40.98
N THR A 34 -5.01 4.77 -40.18
CA THR A 34 -4.09 3.93 -39.42
C THR A 34 -3.33 2.98 -40.32
N ASP A 35 -2.17 2.53 -39.84
CA ASP A 35 -1.38 1.52 -40.55
C ASP A 35 -2.02 0.16 -40.34
N PRO A 36 -2.44 -0.49 -41.44
CA PRO A 36 -3.07 -1.81 -41.36
C PRO A 36 -2.09 -2.88 -40.88
N ASN A 37 -0.80 -2.66 -41.13
CA ASN A 37 0.23 -3.61 -40.71
C ASN A 37 1.30 -2.95 -39.85
N PRO A 38 0.96 -2.62 -38.60
CA PRO A 38 1.91 -1.94 -37.71
C PRO A 38 3.09 -2.83 -37.33
N GLN A 39 4.29 -2.24 -37.32
CA GLN A 39 5.49 -2.98 -37.00
C GLN A 39 5.95 -2.71 -35.57
N GLU A 40 6.41 -3.75 -34.89
CA GLU A 40 6.90 -3.61 -33.52
C GLU A 40 8.20 -4.41 -33.36
N ILE A 41 9.22 -3.76 -32.84
CA ILE A 41 10.52 -4.40 -32.67
C ILE A 41 10.89 -4.51 -31.20
N HIS A 42 10.95 -5.74 -30.70
CA HIS A 42 11.32 -5.98 -29.32
C HIS A 42 12.84 -5.94 -29.14
N LEU A 43 13.30 -5.03 -28.29
CA LEU A 43 14.73 -4.85 -28.07
C LEU A 43 15.23 -5.79 -26.98
N GLU A 44 16.44 -6.32 -27.17
CA GLU A 44 17.03 -7.22 -26.19
C GLU A 44 18.13 -6.53 -25.38
N ASN A 45 18.19 -6.84 -24.09
CA ASN A 45 19.19 -6.30 -23.18
C ASN A 45 19.25 -4.77 -23.19
N VAL A 46 18.08 -4.15 -23.29
CA VAL A 46 17.98 -2.69 -23.30
C VAL A 46 17.25 -2.18 -22.06
N THR A 47 17.91 -1.30 -21.31
CA THR A 47 17.30 -0.68 -20.15
C THR A 47 17.00 0.78 -20.44
N GLU A 48 15.72 1.14 -20.41
CA GLU A 48 15.30 2.51 -20.67
C GLU A 48 14.53 3.09 -19.49
N ASN A 49 14.86 4.32 -19.12
CA ASN A 49 14.13 5.03 -18.07
C ASN A 49 12.92 5.76 -18.64
N PHE A 50 11.79 5.65 -17.95
CA PHE A 50 10.56 6.32 -18.36
C PHE A 50 10.08 7.26 -17.25
N ASN A 51 9.29 8.25 -17.65
CA ASN A 51 8.68 9.16 -16.69
C ASN A 51 7.35 9.68 -17.22
N MET A 52 6.28 9.02 -16.84
CA MET A 52 4.94 9.37 -17.30
C MET A 52 4.52 10.76 -16.86
N TRP A 53 5.15 11.27 -15.80
CA TRP A 53 4.76 12.55 -15.22
C TRP A 53 5.47 13.72 -15.89
N LYS A 54 6.47 13.43 -16.71
CA LYS A 54 7.12 14.43 -17.53
C LYS A 54 7.28 13.89 -18.95
N ASN A 55 6.16 13.85 -19.67
CA ASN A 55 6.11 13.26 -20.99
C ASN A 55 5.38 14.20 -21.95
N ASN A 56 6.11 14.70 -22.94
CA ASN A 56 5.58 15.70 -23.87
C ASN A 56 4.43 15.19 -24.73
N MET A 57 4.33 13.86 -24.85
CA MET A 57 3.22 13.25 -25.58
C MET A 57 1.89 13.63 -24.92
N VAL A 58 1.91 13.78 -23.61
CA VAL A 58 0.72 14.14 -22.84
C VAL A 58 0.26 15.55 -23.18
N GLU A 59 1.19 16.49 -23.22
CA GLU A 59 0.87 17.87 -23.57
C GLU A 59 0.30 17.96 -24.97
N GLN A 60 0.86 17.19 -25.89
CA GLN A 60 0.41 17.20 -27.28
C GLN A 60 -1.01 16.65 -27.43
N MET A 61 -1.30 15.55 -26.73
CA MET A 61 -2.65 15.00 -26.78
C MET A 61 -3.66 15.98 -26.21
N GLN A 62 -3.28 16.63 -25.10
CA GLN A 62 -4.11 17.65 -24.47
C GLN A 62 -4.46 18.76 -25.48
N GLU A 63 -3.46 19.19 -26.24
CA GLU A 63 -3.67 20.23 -27.26
C GLU A 63 -4.64 19.77 -28.33
N ASP A 64 -4.54 18.51 -28.75
CA ASP A 64 -5.47 17.94 -29.71
C ASP A 64 -6.91 17.92 -29.19
N VAL A 65 -7.08 17.46 -27.96
CA VAL A 65 -8.42 17.30 -27.39
C VAL A 65 -9.07 18.67 -27.15
N ILE A 66 -8.27 19.63 -26.71
CA ILE A 66 -8.74 21.01 -26.56
C ILE A 66 -9.21 21.55 -27.90
N SER A 67 -8.41 21.31 -28.94
CA SER A 67 -8.77 21.74 -30.29
C SER A 67 -10.07 21.08 -30.75
N LEU A 68 -10.18 19.78 -30.51
CA LEU A 68 -11.37 19.02 -30.89
C LEU A 68 -12.61 19.59 -30.23
N TRP A 69 -12.55 19.80 -28.91
CA TRP A 69 -13.69 20.33 -28.17
C TRP A 69 -14.03 21.76 -28.60
N ASP A 70 -13.01 22.54 -28.93
CA ASP A 70 -13.21 23.92 -29.37
C ASP A 70 -14.03 24.00 -30.66
N GLN A 71 -13.74 23.09 -31.59
CA GLN A 71 -14.41 23.09 -32.89
C GLN A 71 -15.74 22.34 -32.86
N SER A 72 -15.98 21.61 -31.79
CA SER A 72 -17.12 20.69 -31.74
C SER A 72 -18.21 21.09 -30.76
N LEU A 73 -17.83 21.24 -29.48
CA LEU A 73 -18.79 21.55 -28.42
C LEU A 73 -18.78 23.03 -28.09
N GLN A 74 -19.74 23.77 -28.65
CA GLN A 74 -19.84 25.20 -28.38
C GLN A 74 -21.00 25.52 -27.45
N PRO A 75 -20.69 26.08 -26.28
CA PRO A 75 -21.73 26.51 -25.34
C PRO A 75 -22.47 27.72 -25.88
N CYS A 76 -23.63 28.02 -25.30
CA CYS A 76 -24.42 29.17 -25.71
C CYS A 76 -23.74 30.46 -25.26
N VAL A 77 -23.11 30.40 -24.09
CA VAL A 77 -22.44 31.56 -23.51
C VAL A 77 -21.05 31.18 -23.02
N LYS A 78 -20.05 31.96 -23.45
CA LYS A 78 -18.68 31.75 -22.98
C LYS A 78 -18.25 32.89 -22.08
N LEU A 79 -17.78 32.53 -20.88
CA LEU A 79 -17.34 33.52 -19.90
C LEU A 79 -15.84 33.37 -19.64
N THR A 80 -15.03 33.95 -20.51
CA THR A 80 -13.58 33.81 -20.41
C THR A 80 -12.86 35.15 -20.24
N GLY A 81 -12.29 35.37 -19.06
CA GLY A 81 -11.50 36.54 -18.80
C GLY A 81 -12.23 37.86 -18.99
N GLY A 82 -13.36 38.01 -18.30
CA GLY A 82 -14.13 39.24 -18.36
C GLY A 82 -15.05 39.33 -19.57
N SER A 83 -14.53 38.94 -20.73
CA SER A 83 -15.29 39.00 -21.97
C SER A 83 -16.40 37.95 -21.99
N VAL A 84 -17.50 38.28 -22.66
CA VAL A 84 -18.64 37.37 -22.76
C VAL A 84 -18.97 37.09 -24.22
N ILE A 85 -18.96 35.81 -24.58
CA ILE A 85 -19.26 35.41 -25.96
C ILE A 85 -20.61 34.71 -26.07
N LYS A 86 -21.54 35.34 -26.79
CA LYS A 86 -22.83 34.72 -27.08
C LYS A 86 -22.82 34.15 -28.50
N GLN A 87 -23.22 32.89 -28.62
CA GLN A 87 -23.18 32.22 -29.92
C GLN A 87 -24.19 31.08 -29.98
N ALA A 88 -24.38 30.55 -31.18
CA ALA A 88 -25.26 29.40 -31.38
C ALA A 88 -24.70 28.17 -30.68
N CYS A 89 -25.58 27.31 -30.19
CA CYS A 89 -25.16 26.11 -29.49
C CYS A 89 -25.98 24.91 -29.92
N PRO A 90 -25.75 24.42 -31.15
CA PRO A 90 -26.54 23.31 -31.68
C PRO A 90 -26.19 21.99 -31.01
N LYS A 91 -27.18 21.09 -30.93
CA LYS A 91 -26.94 19.76 -30.38
C LYS A 91 -26.18 18.93 -31.41
N ILE A 92 -25.20 18.18 -30.94
CA ILE A 92 -24.30 17.46 -31.84
C ILE A 92 -24.31 15.96 -31.63
N SER A 93 -23.62 15.25 -32.51
CA SER A 93 -23.37 13.82 -32.36
C SER A 93 -22.00 13.65 -31.74
N PHE A 94 -21.95 13.00 -30.57
CA PHE A 94 -20.74 12.95 -29.77
C PHE A 94 -20.46 11.52 -29.28
N ASP A 95 -19.31 10.97 -29.69
CA ASP A 95 -18.89 9.64 -29.25
C ASP A 95 -17.42 9.44 -29.59
N PRO A 96 -16.56 9.48 -28.56
CA PRO A 96 -15.09 9.43 -28.71
C PRO A 96 -14.60 8.20 -29.49
N ILE A 97 -13.62 8.40 -30.36
CA ILE A 97 -13.01 7.31 -31.11
C ILE A 97 -11.53 7.20 -30.78
N PRO A 98 -10.94 6.01 -30.95
CA PRO A 98 -9.51 5.84 -30.66
C PRO A 98 -8.62 6.69 -31.54
N ILE A 99 -7.68 7.40 -30.92
CA ILE A 99 -6.70 8.22 -31.63
C ILE A 99 -5.30 7.69 -31.37
N HIS A 100 -4.54 7.46 -32.45
CA HIS A 100 -3.17 6.97 -32.33
C HIS A 100 -2.18 8.11 -32.49
N TYR A 101 -1.11 8.09 -31.70
CA TYR A 101 -0.07 9.11 -31.83
C TYR A 101 1.22 8.53 -32.41
N CYS A 102 1.75 9.19 -33.44
CA CYS A 102 2.83 8.62 -34.22
C CYS A 102 3.98 9.60 -34.41
N THR A 103 5.19 9.05 -34.53
CA THR A 103 6.41 9.83 -34.72
C THR A 103 6.73 10.01 -36.20
N PRO A 104 7.31 11.15 -36.57
CA PRO A 104 7.80 11.38 -37.94
C PRO A 104 9.14 10.68 -38.16
N ALA A 105 9.68 10.79 -39.36
CA ALA A 105 10.96 10.17 -39.69
C ALA A 105 12.08 10.70 -38.80
N GLY A 106 13.00 9.82 -38.44
CA GLY A 106 14.12 10.19 -37.57
C GLY A 106 13.82 9.95 -36.11
N TYR A 107 12.55 9.64 -35.82
CA TYR A 107 12.11 9.40 -34.45
C TYR A 107 11.36 8.08 -34.36
N VAL A 108 11.38 7.48 -33.17
CA VAL A 108 10.63 6.26 -32.89
C VAL A 108 10.01 6.39 -31.50
N ILE A 109 8.95 5.63 -31.24
CA ILE A 109 8.36 5.58 -29.91
C ILE A 109 8.80 4.29 -29.20
N LEU A 110 9.37 4.45 -28.02
CA LEU A 110 9.73 3.28 -27.21
C LEU A 110 8.57 2.94 -26.29
N LYS A 111 8.29 1.64 -26.17
CA LYS A 111 7.15 1.18 -25.38
C LYS A 111 7.61 0.22 -24.28
N CYS A 112 7.25 0.55 -23.04
CA CYS A 112 7.59 -0.32 -21.92
C CYS A 112 6.59 -1.46 -21.80
N ASN A 113 7.10 -2.68 -21.76
CA ASN A 113 6.23 -3.87 -21.70
C ASN A 113 6.35 -4.65 -20.39
N ASP A 114 6.94 -4.03 -19.38
CA ASP A 114 7.00 -4.64 -18.06
C ASP A 114 5.60 -4.69 -17.45
N LYS A 115 5.21 -5.85 -16.94
CA LYS A 115 3.84 -6.07 -16.48
C LYS A 115 3.48 -5.32 -15.20
N ASN A 116 4.47 -5.02 -14.37
CA ASN A 116 4.22 -4.29 -13.12
C ASN A 116 4.78 -2.87 -13.17
N PHE A 117 4.92 -2.35 -14.39
CA PHE A 117 5.49 -1.02 -14.59
C PHE A 117 4.58 0.07 -14.02
N ASN A 118 5.12 0.91 -13.15
CA ASN A 118 4.33 1.94 -12.48
C ASN A 118 4.30 3.29 -13.18
N GLY A 119 5.13 3.45 -14.22
CA GLY A 119 5.13 4.67 -14.99
C GLY A 119 6.41 5.47 -14.88
N THR A 120 7.21 5.18 -13.86
CA THR A 120 8.48 5.87 -13.67
C THR A 120 9.60 4.87 -13.43
N GLY A 121 10.82 5.24 -13.82
CA GLY A 121 11.98 4.40 -13.59
C GLY A 121 12.37 3.56 -14.80
N PRO A 122 13.25 2.59 -14.58
CA PRO A 122 13.78 1.72 -15.65
C PRO A 122 12.79 0.64 -16.08
N CYS A 123 12.83 0.31 -17.37
CA CYS A 123 12.00 -0.75 -17.92
C CYS A 123 12.91 -1.75 -18.63
N LYS A 124 12.68 -3.04 -18.39
CA LYS A 124 13.56 -4.07 -18.93
C LYS A 124 13.10 -4.59 -20.29
N ASN A 125 11.79 -4.76 -20.45
CA ASN A 125 11.24 -5.24 -21.72
C ASN A 125 10.72 -4.09 -22.57
N VAL A 126 11.58 -3.57 -23.43
CA VAL A 126 11.23 -2.40 -24.25
C VAL A 126 11.10 -2.77 -25.72
N SER A 127 10.09 -2.22 -26.37
CA SER A 127 9.95 -2.38 -27.81
C SER A 127 9.88 -1.01 -28.48
N SER A 128 10.15 -0.98 -29.79
CA SER A 128 10.05 0.27 -30.54
C SER A 128 8.89 0.19 -31.52
N VAL A 129 8.03 1.22 -31.49
CA VAL A 129 6.87 1.27 -32.37
C VAL A 129 6.80 2.62 -33.08
N GLN A 130 5.96 2.68 -34.11
CA GLN A 130 5.79 3.91 -34.87
C GLN A 130 4.59 4.71 -34.36
N CYS A 131 3.64 4.01 -33.76
CA CYS A 131 2.43 4.64 -33.24
C CYS A 131 1.97 3.99 -31.94
N THR A 132 1.35 4.77 -31.07
CA THR A 132 0.76 4.24 -29.86
C THR A 132 -0.48 3.44 -30.23
N HIS A 133 -1.06 2.74 -29.27
CA HIS A 133 -2.34 2.09 -29.48
C HIS A 133 -3.42 3.17 -29.58
N GLY A 134 -4.63 2.77 -29.95
CA GLY A 134 -5.73 3.70 -30.08
C GLY A 134 -6.24 4.17 -28.73
N ILE A 135 -6.20 5.48 -28.51
CA ILE A 135 -6.63 6.05 -27.24
C ILE A 135 -7.83 6.97 -27.42
N LYS A 136 -8.93 6.62 -26.76
CA LYS A 136 -10.12 7.48 -26.78
C LYS A 136 -9.93 8.65 -25.85
N PRO A 137 -10.11 9.88 -26.37
CA PRO A 137 -9.96 11.09 -25.55
C PRO A 137 -11.16 11.30 -24.63
N VAL A 138 -11.34 10.41 -23.66
CA VAL A 138 -12.47 10.50 -22.75
C VAL A 138 -12.17 11.49 -21.62
N VAL A 139 -12.93 12.58 -21.59
CA VAL A 139 -12.79 13.59 -20.54
C VAL A 139 -13.69 13.25 -19.36
N SER A 140 -13.08 13.01 -18.20
CA SER A 140 -13.84 12.68 -17.00
C SER A 140 -13.06 13.02 -15.74
N THR A 141 -13.77 13.01 -14.61
CA THR A 141 -13.13 13.17 -13.32
C THR A 141 -13.48 11.98 -12.42
N GLN A 142 -12.68 11.79 -11.37
CA GLN A 142 -12.86 10.71 -10.39
C GLN A 142 -12.63 9.31 -10.95
N LEU A 143 -13.37 8.97 -12.00
CA LEU A 143 -13.26 7.66 -12.62
C LEU A 143 -12.76 7.79 -14.06
N LEU A 144 -11.83 6.92 -14.44
CA LEU A 144 -11.33 6.87 -15.81
C LEU A 144 -12.16 5.86 -16.60
N LEU A 145 -12.71 6.30 -17.72
CA LEU A 145 -13.68 5.50 -18.47
C LEU A 145 -13.16 5.05 -19.83
N ASN A 146 -13.56 3.84 -20.24
CA ASN A 146 -13.25 3.29 -21.55
C ASN A 146 -11.75 3.25 -21.88
N GLY A 147 -10.92 3.11 -20.86
CA GLY A 147 -9.48 3.05 -21.05
C GLY A 147 -9.00 1.61 -21.20
N SER A 148 -7.68 1.44 -21.15
CA SER A 148 -7.09 0.11 -21.20
C SER A 148 -6.90 -0.40 -19.77
N LEU A 149 -6.83 -1.71 -19.62
CA LEU A 149 -6.65 -2.32 -18.30
C LEU A 149 -5.21 -2.80 -18.11
N ALA A 150 -4.76 -2.79 -16.86
CA ALA A 150 -3.47 -3.39 -16.51
C ALA A 150 -3.56 -4.89 -16.78
N GLU A 151 -2.50 -5.45 -17.36
CA GLU A 151 -2.54 -6.85 -17.79
C GLU A 151 -2.36 -7.85 -16.66
N GLU A 152 -1.65 -7.45 -15.61
CA GLU A 152 -1.39 -8.35 -14.49
C GLU A 152 -2.05 -7.88 -13.20
N GLU A 153 -1.25 -7.27 -12.33
CA GLU A 153 -1.78 -6.75 -11.07
C GLU A 153 -2.28 -5.33 -11.21
N ILE A 154 -3.08 -4.89 -10.24
CA ILE A 154 -3.51 -3.49 -10.17
C ILE A 154 -2.25 -2.64 -9.95
N ILE A 155 -2.17 -1.52 -10.66
CA ILE A 155 -0.99 -0.67 -10.57
C ILE A 155 -1.32 0.66 -9.91
N ILE A 156 -0.45 1.10 -9.00
CA ILE A 156 -0.58 2.41 -8.38
C ILE A 156 0.42 3.36 -9.02
N ARG A 157 -0.06 4.49 -9.54
CA ARG A 157 0.81 5.46 -10.19
C ARG A 157 0.79 6.79 -9.47
N SER A 158 1.98 7.34 -9.24
CA SER A 158 2.12 8.66 -8.63
C SER A 158 3.52 9.21 -8.88
N GLU A 159 3.62 10.52 -9.08
CA GLU A 159 4.91 11.16 -9.24
C GLU A 159 5.69 11.10 -7.93
N ASN A 160 4.96 11.11 -6.81
CA ASN A 160 5.55 11.02 -5.49
C ASN A 160 4.49 10.64 -4.45
N LEU A 161 4.41 9.36 -4.12
CA LEU A 161 3.42 8.86 -3.18
C LEU A 161 3.52 9.51 -1.80
N THR A 162 4.74 9.86 -1.40
CA THR A 162 4.97 10.50 -0.10
C THR A 162 4.40 11.92 -0.09
N ASN A 163 4.23 12.48 -1.29
CA ASN A 163 3.64 13.81 -1.44
C ASN A 163 2.14 13.70 -1.66
N ASN A 164 1.36 14.03 -0.64
CA ASN A 164 -0.09 13.92 -0.71
C ASN A 164 -0.71 14.87 -1.72
N ALA A 165 0.03 15.90 -2.12
CA ALA A 165 -0.44 16.85 -3.11
C ALA A 165 -0.36 16.28 -4.52
N LYS A 166 0.31 15.15 -4.67
CA LYS A 166 0.44 14.50 -5.97
C LYS A 166 -0.70 13.51 -6.21
N THR A 167 -1.36 13.66 -7.35
CA THR A 167 -2.49 12.80 -7.71
C THR A 167 -2.06 11.36 -7.88
N ILE A 168 -2.88 10.44 -7.39
CA ILE A 168 -2.63 9.01 -7.55
C ILE A 168 -3.54 8.44 -8.63
N ILE A 169 -2.96 7.71 -9.57
CA ILE A 169 -3.73 6.99 -10.57
C ILE A 169 -3.75 5.50 -10.25
N VAL A 170 -4.95 4.98 -10.02
CA VAL A 170 -5.11 3.54 -9.83
C VAL A 170 -5.47 2.90 -11.16
N HIS A 171 -4.67 1.93 -11.59
CA HIS A 171 -4.92 1.26 -12.86
C HIS A 171 -5.48 -0.14 -12.61
N LEU A 172 -6.77 -0.30 -12.90
CA LEU A 172 -7.46 -1.56 -12.64
C LEU A 172 -7.06 -2.65 -13.64
N ASN A 173 -7.11 -3.90 -13.19
CA ASN A 173 -6.84 -5.03 -14.08
C ASN A 173 -8.13 -5.75 -14.48
N LYS A 174 -9.25 -5.26 -13.94
CA LYS A 174 -10.57 -5.76 -14.32
C LYS A 174 -11.56 -4.61 -14.33
N SER A 175 -12.24 -4.44 -15.46
CA SER A 175 -13.16 -3.32 -15.63
C SER A 175 -14.50 -3.57 -14.94
N VAL A 176 -15.15 -2.49 -14.52
CA VAL A 176 -16.49 -2.55 -13.95
C VAL A 176 -17.39 -1.60 -14.73
N GLU A 177 -18.49 -2.13 -15.25
CA GLU A 177 -19.40 -1.32 -16.06
C GLU A 177 -20.17 -0.30 -15.23
N ILE A 178 -20.26 0.92 -15.74
CA ILE A 178 -21.13 1.93 -15.13
C ILE A 178 -22.20 2.34 -16.14
N ASN A 179 -23.46 2.19 -15.75
CA ASN A 179 -24.60 2.36 -16.64
C ASN A 179 -25.38 3.61 -16.30
N CYS A 180 -25.20 4.67 -17.09
CA CYS A 180 -25.81 5.96 -16.80
C CYS A 180 -26.96 6.31 -17.75
N THR A 181 -28.05 6.81 -17.19
CA THR A 181 -29.25 7.07 -17.98
C THR A 181 -30.02 8.31 -17.53
N ARG A 182 -30.36 9.17 -18.50
CA ARG A 182 -31.40 10.17 -18.30
C ARG A 182 -32.65 9.59 -18.95
N PRO A 183 -33.60 9.15 -18.14
CA PRO A 183 -34.85 8.57 -18.64
C PRO A 183 -35.46 9.43 -19.76
N SER A 184 -36.33 8.82 -20.55
CA SER A 184 -36.99 9.54 -21.65
C SER A 184 -38.08 10.46 -21.13
N ASN A 185 -39.26 9.90 -20.91
CA ASN A 185 -40.40 10.68 -20.42
C ASN A 185 -41.47 9.79 -19.79
N GLY A 192 -41.71 16.06 -15.55
CA GLY A 192 -40.49 15.34 -15.23
C GLY A 192 -39.26 16.23 -15.27
N ASP A 193 -38.32 15.97 -14.37
CA ASP A 193 -37.07 16.73 -14.32
C ASP A 193 -36.14 16.26 -15.43
N ILE A 194 -36.01 17.07 -16.47
CA ILE A 194 -35.22 16.70 -17.64
C ILE A 194 -33.72 16.60 -17.37
N ARG A 195 -33.29 17.10 -16.21
CA ARG A 195 -31.88 17.07 -15.85
C ARG A 195 -31.55 16.00 -14.82
N LYS A 196 -32.58 15.29 -14.34
CA LYS A 196 -32.36 14.21 -13.38
C LYS A 196 -31.94 12.94 -14.11
N ALA A 197 -30.90 12.30 -13.60
CA ALA A 197 -30.38 11.08 -14.18
C ALA A 197 -29.80 10.17 -13.11
N TYR A 198 -29.31 9.01 -13.50
CA TYR A 198 -28.73 8.06 -12.55
C TYR A 198 -27.73 7.12 -13.20
N CYS A 199 -26.81 6.59 -12.38
CA CYS A 199 -25.84 5.60 -12.82
C CYS A 199 -25.97 4.32 -12.02
N GLU A 200 -26.02 3.18 -12.71
CA GLU A 200 -26.14 1.89 -12.05
C GLU A 200 -24.83 1.11 -12.14
N ILE A 201 -24.40 0.57 -10.99
CA ILE A 201 -23.17 -0.23 -10.92
C ILE A 201 -23.42 -1.50 -10.12
N ASN A 202 -22.91 -2.63 -10.63
CA ASN A 202 -22.99 -3.89 -9.90
C ASN A 202 -22.15 -3.80 -8.63
N GLY A 203 -22.83 -3.75 -7.48
CA GLY A 203 -22.18 -3.59 -6.20
C GLY A 203 -21.23 -4.72 -5.83
N THR A 204 -21.58 -5.94 -6.25
CA THR A 204 -20.74 -7.10 -6.00
C THR A 204 -19.39 -6.96 -6.70
N LYS A 205 -19.44 -6.59 -7.98
CA LYS A 205 -18.24 -6.40 -8.78
C LYS A 205 -17.39 -5.24 -8.25
N TRP A 206 -18.03 -4.11 -8.00
CA TRP A 206 -17.32 -2.91 -7.59
C TRP A 206 -16.63 -3.05 -6.23
N ASN A 207 -17.35 -3.59 -5.25
CA ASN A 207 -16.81 -3.76 -3.91
C ASN A 207 -15.64 -4.75 -3.87
N LYS A 208 -15.68 -5.75 -4.74
CA LYS A 208 -14.58 -6.71 -4.82
C LYS A 208 -13.33 -6.05 -5.40
N VAL A 209 -13.52 -5.25 -6.45
CA VAL A 209 -12.42 -4.52 -7.06
C VAL A 209 -11.83 -3.50 -6.07
N LEU A 210 -12.71 -2.77 -5.40
CA LEU A 210 -12.28 -1.77 -4.44
C LEU A 210 -11.50 -2.39 -3.28
N LYS A 211 -11.89 -3.61 -2.91
CA LYS A 211 -11.18 -4.36 -1.88
C LYS A 211 -9.76 -4.69 -2.33
N GLN A 212 -9.60 -5.01 -3.60
CA GLN A 212 -8.29 -5.33 -4.16
C GLN A 212 -7.42 -4.08 -4.26
N VAL A 213 -8.04 -2.94 -4.56
CA VAL A 213 -7.35 -1.67 -4.60
C VAL A 213 -6.77 -1.33 -3.22
N THR A 214 -7.52 -1.61 -2.17
CA THR A 214 -7.07 -1.36 -0.80
C THR A 214 -5.86 -2.21 -0.45
N GLU A 215 -5.89 -3.47 -0.83
CA GLU A 215 -4.78 -4.40 -0.56
C GLU A 215 -3.53 -3.97 -1.32
N LYS A 216 -3.72 -3.43 -2.51
CA LYS A 216 -2.59 -2.95 -3.32
C LYS A 216 -2.00 -1.69 -2.70
N LEU A 217 -2.87 -0.79 -2.24
CA LEU A 217 -2.44 0.43 -1.57
C LEU A 217 -1.66 0.13 -0.30
N LYS A 218 -2.00 -0.97 0.36
CA LYS A 218 -1.29 -1.40 1.57
C LYS A 218 0.18 -1.69 1.29
N GLU A 219 0.45 -2.27 0.13
CA GLU A 219 1.82 -2.61 -0.25
C GLU A 219 2.66 -1.36 -0.42
N HIS A 220 2.02 -0.25 -0.77
CA HIS A 220 2.72 1.00 -1.02
C HIS A 220 2.75 1.90 0.21
N PHE A 221 1.91 1.59 1.20
CA PHE A 221 1.86 2.41 2.42
C PHE A 221 2.12 1.62 3.69
N ASN A 222 3.05 0.67 3.61
CA ASN A 222 3.59 -0.01 4.79
C ASN A 222 2.53 -0.71 5.64
N ASN A 223 1.54 -1.31 4.98
CA ASN A 223 0.45 -2.03 5.65
C ASN A 223 -0.44 -1.18 6.56
N LYS A 224 -0.45 0.12 6.36
CA LYS A 224 -1.36 0.99 7.09
C LYS A 224 -2.80 0.72 6.68
N THR A 225 -3.74 1.05 7.55
CA THR A 225 -5.17 0.86 7.26
C THR A 225 -5.64 1.85 6.20
N ILE A 226 -6.28 1.33 5.17
CA ILE A 226 -6.72 2.15 4.04
C ILE A 226 -8.21 2.51 4.14
N ILE A 227 -8.49 3.81 4.12
CA ILE A 227 -9.86 4.30 4.28
C ILE A 227 -10.25 5.21 3.12
N PHE A 228 -11.46 5.01 2.60
CA PHE A 228 -12.00 5.88 1.56
C PHE A 228 -13.00 6.87 2.13
N GLN A 229 -12.96 8.11 1.64
CA GLN A 229 -13.89 9.15 2.05
C GLN A 229 -14.28 9.99 0.84
N PRO A 230 -15.50 10.56 0.87
CA PRO A 230 -15.92 11.47 -0.20
C PRO A 230 -15.09 12.75 -0.16
N PRO A 231 -14.96 13.43 -1.33
CA PRO A 231 -14.18 14.67 -1.42
C PRO A 231 -14.58 15.69 -0.36
N SER A 232 -13.60 16.38 0.20
CA SER A 232 -13.84 17.34 1.28
C SER A 232 -14.59 18.57 0.78
N GLY A 233 -14.31 18.99 -0.44
CA GLY A 233 -14.94 20.15 -1.02
C GLY A 233 -14.31 20.54 -2.35
N GLY A 234 -14.73 21.68 -2.87
CA GLY A 234 -14.22 22.16 -4.15
C GLY A 234 -15.31 22.24 -5.21
N ASP A 235 -14.92 22.45 -6.46
CA ASP A 235 -15.87 22.55 -7.55
C ASP A 235 -16.58 21.22 -7.78
N LEU A 236 -17.78 21.30 -8.37
CA LEU A 236 -18.61 20.12 -8.61
C LEU A 236 -17.92 19.11 -9.52
N GLU A 237 -17.05 19.60 -10.40
CA GLU A 237 -16.32 18.74 -11.30
C GLU A 237 -15.34 17.85 -10.54
N ILE A 238 -15.00 18.25 -9.32
CA ILE A 238 -14.05 17.51 -8.49
C ILE A 238 -14.76 16.63 -7.47
N THR A 239 -15.80 17.18 -6.84
CA THR A 239 -16.52 16.47 -5.79
C THR A 239 -17.44 15.40 -6.35
N MET A 240 -17.67 15.44 -7.66
CA MET A 240 -18.52 14.46 -8.31
C MET A 240 -17.83 13.85 -9.52
N HIS A 241 -18.26 12.64 -9.88
CA HIS A 241 -17.82 12.01 -11.11
C HIS A 241 -18.50 12.72 -12.27
N SER A 242 -17.75 13.57 -12.96
CA SER A 242 -18.29 14.26 -14.12
C SER A 242 -17.75 13.64 -15.40
N PHE A 243 -18.59 13.60 -16.42
CA PHE A 243 -18.23 13.05 -17.72
C PHE A 243 -19.21 13.54 -18.76
N ASN A 244 -18.91 13.29 -20.03
CA ASN A 244 -19.79 13.73 -21.09
C ASN A 244 -20.41 12.56 -21.84
N CYS A 245 -21.74 12.49 -21.83
CA CYS A 245 -22.47 11.42 -22.48
C CYS A 245 -23.33 11.97 -23.60
N ARG A 246 -22.98 11.62 -24.84
CA ARG A 246 -23.73 12.04 -26.04
C ARG A 246 -23.81 13.56 -26.19
N GLY A 247 -22.80 14.26 -25.68
CA GLY A 247 -22.77 15.71 -25.77
C GLY A 247 -23.29 16.38 -24.51
N GLU A 248 -23.93 15.60 -23.65
CA GLU A 248 -24.49 16.12 -22.41
C GLU A 248 -23.53 15.92 -21.23
N PHE A 249 -23.39 16.94 -20.40
CA PHE A 249 -22.49 16.88 -19.25
C PHE A 249 -23.19 16.28 -18.03
N PHE A 250 -22.74 15.10 -17.62
CA PHE A 250 -23.29 14.42 -16.44
C PHE A 250 -22.45 14.67 -15.21
N TYR A 251 -23.10 14.86 -14.07
CA TYR A 251 -22.43 15.01 -12.79
C TYR A 251 -23.05 14.03 -11.80
N CYS A 252 -22.26 13.05 -11.37
CA CYS A 252 -22.78 11.96 -10.54
C CYS A 252 -22.16 11.90 -9.16
N ASN A 253 -23.01 11.67 -8.16
CA ASN A 253 -22.59 11.56 -6.78
C ASN A 253 -22.06 10.15 -6.47
N THR A 254 -20.77 10.06 -6.13
CA THR A 254 -20.13 8.76 -5.94
C THR A 254 -19.91 8.38 -4.47
N THR A 255 -20.67 8.99 -3.56
CA THR A 255 -20.58 8.68 -2.15
C THR A 255 -20.75 7.19 -1.89
N GLN A 256 -21.68 6.56 -2.61
CA GLN A 256 -21.97 5.15 -2.41
C GLN A 256 -20.89 4.23 -2.99
N LEU A 257 -20.09 4.75 -3.91
CA LEU A 257 -19.06 3.94 -4.55
C LEU A 257 -17.89 3.65 -3.63
N PHE A 258 -17.56 4.62 -2.78
CA PHE A 258 -16.43 4.47 -1.88
C PHE A 258 -16.92 4.24 -0.46
N ASN A 259 -17.55 3.08 -0.26
CA ASN A 259 -18.13 2.71 1.02
C ASN A 259 -17.23 1.76 1.79
N ASN A 260 -16.59 2.26 2.83
CA ASN A 260 -15.65 1.48 3.63
C ASN A 260 -16.27 0.26 4.28
N THR A 261 -17.55 0.35 4.62
CA THR A 261 -18.25 -0.75 5.27
C THR A 261 -18.43 -1.94 4.30
N CYS A 262 -18.69 -1.63 3.05
CA CYS A 262 -18.89 -2.65 2.02
C CYS A 262 -17.58 -3.35 1.67
N ILE A 263 -16.47 -2.64 1.80
CA ILE A 263 -15.16 -3.17 1.47
C ILE A 263 -14.74 -4.26 2.46
N ASN A 272 -24.09 -6.02 -2.05
CA ASN A 272 -23.84 -6.82 -3.24
C ASN A 272 -24.87 -6.55 -4.33
N GLY A 273 -25.87 -5.72 -4.01
CA GLY A 273 -26.90 -5.37 -4.96
C GLY A 273 -26.49 -4.24 -5.88
N THR A 274 -27.43 -3.80 -6.73
CA THR A 274 -27.17 -2.72 -7.67
C THR A 274 -27.02 -1.38 -6.93
N ILE A 275 -25.92 -0.68 -7.20
CA ILE A 275 -25.72 0.64 -6.63
C ILE A 275 -26.21 1.69 -7.62
N THR A 276 -27.13 2.53 -7.17
CA THR A 276 -27.69 3.58 -8.01
C THR A 276 -27.19 4.95 -7.58
N LEU A 277 -26.33 5.55 -8.41
CA LEU A 277 -25.79 6.87 -8.12
C LEU A 277 -26.72 7.96 -8.68
N PRO A 278 -27.08 8.94 -7.83
CA PRO A 278 -27.90 10.07 -8.30
C PRO A 278 -27.07 11.04 -9.13
N CYS A 279 -27.55 11.37 -10.33
CA CYS A 279 -26.81 12.24 -11.25
C CYS A 279 -27.64 13.43 -11.69
N LYS A 280 -26.95 14.46 -12.20
CA LYS A 280 -27.62 15.61 -12.79
C LYS A 280 -26.92 15.97 -14.11
N ILE A 281 -27.72 16.39 -15.09
CA ILE A 281 -27.16 16.99 -16.29
C ILE A 281 -27.04 18.49 -16.08
N LYS A 282 -25.83 19.01 -16.22
CA LYS A 282 -25.59 20.43 -16.00
C LYS A 282 -25.31 21.18 -17.29
N GLN A 283 -25.86 22.38 -17.41
CA GLN A 283 -25.63 23.22 -18.57
C GLN A 283 -24.49 24.19 -18.29
N ILE A 284 -24.42 24.65 -17.04
CA ILE A 284 -23.40 25.59 -16.62
C ILE A 284 -22.22 24.87 -15.99
N ILE A 285 -21.06 24.96 -16.64
CA ILE A 285 -19.91 24.15 -16.29
C ILE A 285 -18.63 24.97 -16.24
N ASN A 286 -17.76 24.65 -15.28
CA ASN A 286 -16.38 25.12 -15.32
C ASN A 286 -15.62 24.32 -16.38
N MET A 287 -15.18 25.00 -17.42
CA MET A 287 -14.52 24.33 -18.55
C MET A 287 -13.21 23.69 -18.15
N TRP A 288 -13.05 22.41 -18.48
CA TRP A 288 -11.83 21.69 -18.16
C TRP A 288 -10.62 22.24 -18.91
N GLN A 289 -10.88 22.95 -20.00
CA GLN A 289 -9.80 23.56 -20.78
C GLN A 289 -9.12 24.68 -20.00
N GLY A 290 -9.80 25.20 -18.99
CA GLY A 290 -9.27 26.27 -18.16
C GLY A 290 -9.68 27.64 -18.63
N THR A 291 -10.68 27.68 -19.50
CA THR A 291 -11.12 28.95 -20.10
C THR A 291 -12.26 29.59 -19.30
N GLY A 292 -12.41 29.18 -18.04
CA GLY A 292 -13.41 29.77 -17.17
C GLY A 292 -14.71 29.00 -17.13
N GLN A 293 -15.83 29.70 -17.30
CA GLN A 293 -17.14 29.12 -17.16
C GLN A 293 -17.92 29.17 -18.47
N ALA A 294 -18.86 28.26 -18.65
CA ALA A 294 -19.66 28.20 -19.86
C ALA A 294 -21.05 27.60 -19.63
N MET A 295 -22.03 28.08 -20.40
CA MET A 295 -23.37 27.51 -20.36
C MET A 295 -23.68 26.80 -21.67
N TYR A 296 -23.76 25.47 -21.61
CA TYR A 296 -24.10 24.69 -22.79
C TYR A 296 -25.62 24.57 -22.93
N ALA A 297 -26.07 23.99 -24.04
CA ALA A 297 -27.49 23.90 -24.34
C ALA A 297 -28.20 22.83 -23.48
N PRO A 298 -29.52 22.99 -23.29
CA PRO A 298 -30.34 22.00 -22.57
C PRO A 298 -30.32 20.64 -23.26
N PRO A 299 -30.61 19.56 -22.52
CA PRO A 299 -30.53 18.19 -23.04
C PRO A 299 -31.53 17.90 -24.15
N ILE A 300 -31.18 16.97 -25.04
CA ILE A 300 -32.10 16.48 -26.05
C ILE A 300 -33.21 15.68 -25.40
N ASP A 301 -34.28 15.43 -26.15
CA ASP A 301 -35.38 14.62 -25.66
C ASP A 301 -35.06 13.14 -25.80
N GLY A 302 -35.88 12.29 -25.20
CA GLY A 302 -35.70 10.85 -25.29
C GLY A 302 -34.70 10.32 -24.28
N LYS A 303 -34.45 9.02 -24.34
CA LYS A 303 -33.52 8.38 -23.42
C LYS A 303 -32.08 8.71 -23.77
N ILE A 304 -31.34 9.23 -22.78
CA ILE A 304 -29.93 9.49 -22.94
C ILE A 304 -29.15 8.47 -22.12
N ASN A 305 -28.42 7.59 -22.79
CA ASN A 305 -27.76 6.48 -22.11
C ASN A 305 -26.31 6.26 -22.55
N CYS A 306 -25.43 6.05 -21.57
CA CYS A 306 -24.05 5.69 -21.83
C CYS A 306 -23.61 4.58 -20.88
N VAL A 307 -23.09 3.49 -21.46
CA VAL A 307 -22.55 2.40 -20.66
C VAL A 307 -21.04 2.37 -20.84
N SER A 308 -20.30 2.62 -19.77
CA SER A 308 -18.85 2.73 -19.86
C SER A 308 -18.14 1.73 -18.97
N ASN A 309 -16.89 1.41 -19.32
CA ASN A 309 -16.05 0.59 -18.48
C ASN A 309 -15.20 1.46 -17.57
N ILE A 310 -15.31 1.24 -16.26
CA ILE A 310 -14.39 1.87 -15.32
C ILE A 310 -13.09 1.10 -15.36
N THR A 311 -12.02 1.77 -15.75
CA THR A 311 -10.73 1.12 -15.92
C THR A 311 -9.65 1.76 -15.04
N GLY A 312 -10.00 2.88 -14.41
CA GLY A 312 -9.07 3.58 -13.54
C GLY A 312 -9.76 4.48 -12.54
N ILE A 313 -9.04 4.84 -11.47
CA ILE A 313 -9.57 5.74 -10.45
C ILE A 313 -8.52 6.79 -10.12
N LEU A 314 -8.97 8.05 -10.00
CA LEU A 314 -8.08 9.12 -9.58
C LEU A 314 -8.32 9.43 -8.10
N LEU A 315 -7.25 9.35 -7.30
CA LEU A 315 -7.36 9.53 -5.85
C LEU A 315 -6.44 10.63 -5.33
N THR A 316 -6.87 11.27 -4.25
CA THR A 316 -6.02 12.22 -3.53
C THR A 316 -5.96 11.79 -2.07
N ARG A 317 -4.74 11.65 -1.55
CA ARG A 317 -4.56 11.17 -0.18
C ARG A 317 -4.58 12.32 0.82
N ASP A 318 -5.26 12.11 1.95
CA ASP A 318 -5.33 13.11 3.01
C ASP A 318 -3.97 13.36 3.65
N GLY A 319 -3.70 14.61 3.99
CA GLY A 319 -2.47 14.96 4.68
C GLY A 319 -2.67 14.92 6.18
N GLY A 320 -1.58 14.97 6.93
CA GLY A 320 -1.62 15.04 8.38
C GLY A 320 -1.99 13.74 9.07
N ALA A 321 -1.67 12.61 8.45
CA ALA A 321 -2.02 11.31 9.01
C ALA A 321 -0.79 10.51 9.44
N ASN A 322 0.36 11.17 9.47
CA ASN A 322 1.63 10.51 9.79
C ASN A 322 1.66 9.86 11.18
N ASN A 323 0.99 10.48 12.15
CA ASN A 323 1.00 9.97 13.52
C ASN A 323 -0.14 8.99 13.80
N THR A 324 -0.80 8.53 12.74
CA THR A 324 -1.86 7.54 12.88
C THR A 324 -1.56 6.32 12.03
N SER A 325 -2.38 5.27 12.17
CA SER A 325 -2.19 4.07 11.38
C SER A 325 -3.11 4.04 10.16
N ASN A 326 -3.80 5.14 9.91
CA ASN A 326 -4.71 5.24 8.78
C ASN A 326 -4.19 6.13 7.66
N GLU A 327 -4.52 5.77 6.43
CA GLU A 327 -4.35 6.65 5.28
C GLU A 327 -5.71 6.81 4.61
N THR A 328 -6.09 8.05 4.34
CA THR A 328 -7.40 8.34 3.80
C THR A 328 -7.32 8.81 2.35
N PHE A 329 -8.10 8.16 1.48
CA PHE A 329 -8.09 8.48 0.05
C PHE A 329 -9.46 8.95 -0.42
N ARG A 330 -9.47 10.04 -1.16
CA ARG A 330 -10.72 10.60 -1.70
C ARG A 330 -10.66 10.69 -3.22
N PRO A 331 -11.77 10.37 -3.89
CA PRO A 331 -11.81 10.52 -5.35
C PRO A 331 -11.66 11.99 -5.72
N GLY A 332 -10.76 12.29 -6.65
CA GLY A 332 -10.49 13.68 -7.00
C GLY A 332 -9.88 13.85 -8.37
N GLY A 333 -8.90 14.73 -8.47
CA GLY A 333 -8.25 15.02 -9.74
C GLY A 333 -8.74 16.32 -10.34
N GLY A 334 -9.05 16.31 -11.62
CA GLY A 334 -9.49 17.50 -12.32
C GLY A 334 -8.56 17.86 -13.46
N ASN A 335 -7.27 17.59 -13.28
CA ASN A 335 -6.29 17.80 -14.32
C ASN A 335 -6.43 16.73 -15.40
N ILE A 336 -7.08 17.10 -16.50
CA ILE A 336 -7.40 16.19 -17.59
C ILE A 336 -6.16 15.52 -18.20
N LYS A 337 -5.01 16.19 -18.09
CA LYS A 337 -3.76 15.60 -18.56
C LYS A 337 -3.46 14.25 -17.90
N ASP A 338 -3.91 14.09 -16.67
CA ASP A 338 -3.75 12.82 -15.95
C ASP A 338 -4.50 11.70 -16.65
N ASN A 339 -5.65 12.03 -17.26
CA ASN A 339 -6.38 11.06 -18.06
C ASN A 339 -5.54 10.52 -19.21
N TRP A 340 -4.81 11.42 -19.87
CA TRP A 340 -3.96 11.00 -20.98
C TRP A 340 -2.73 10.24 -20.46
N ARG A 341 -2.25 10.63 -19.29
CA ARG A 341 -1.12 9.94 -18.67
C ARG A 341 -1.43 8.49 -18.38
N SER A 342 -2.68 8.21 -18.04
CA SER A 342 -3.10 6.85 -17.67
C SER A 342 -3.04 5.90 -18.86
N GLU A 343 -2.96 6.46 -20.07
CA GLU A 343 -2.85 5.66 -21.28
C GLU A 343 -1.47 5.79 -21.93
N LEU A 344 -0.81 6.92 -21.71
CA LEU A 344 0.46 7.21 -22.36
C LEU A 344 1.69 6.87 -21.51
N TYR A 345 1.46 6.32 -20.33
CA TYR A 345 2.54 6.10 -19.35
C TYR A 345 3.67 5.22 -19.87
N LYS A 346 3.35 4.30 -20.77
CA LYS A 346 4.33 3.32 -21.23
C LYS A 346 5.09 3.76 -22.48
N TYR A 347 4.84 4.98 -22.95
CA TYR A 347 5.48 5.46 -24.18
C TYR A 347 6.41 6.65 -23.93
N LYS A 348 7.44 6.75 -24.74
CA LYS A 348 8.27 7.95 -24.79
C LYS A 348 8.89 8.10 -26.17
N VAL A 349 9.18 9.34 -26.56
CA VAL A 349 9.76 9.62 -27.86
C VAL A 349 11.28 9.70 -27.77
N VAL A 350 11.96 9.02 -28.69
CA VAL A 350 13.42 9.14 -28.80
C VAL A 350 13.81 9.50 -30.23
N GLN A 351 14.97 10.14 -30.38
CA GLN A 351 15.48 10.51 -31.69
C GLN A 351 16.60 9.57 -32.10
N ILE A 352 16.51 9.04 -33.32
CA ILE A 352 17.48 8.07 -33.83
C ILE A 352 18.74 8.74 -34.38
N GLU A 353 19.90 8.21 -34.01
CA GLU A 353 21.17 8.67 -34.55
C GLU A 353 21.82 7.59 -35.42
N VAL B 1 26.55 -29.85 -2.90
CA VAL B 1 26.18 -30.20 -1.54
C VAL B 1 26.27 -28.99 -0.63
N TRP B 2 26.11 -29.21 0.68
CA TRP B 2 26.18 -28.12 1.66
C TRP B 2 26.39 -28.63 3.08
N LYS B 3 26.70 -27.71 3.98
CA LYS B 3 26.87 -27.99 5.41
C LYS B 3 26.52 -26.71 6.16
N ASP B 4 26.22 -26.82 7.44
CA ASP B 4 25.86 -25.65 8.24
C ASP B 4 27.04 -24.70 8.39
N ALA B 5 26.77 -23.40 8.22
CA ALA B 5 27.82 -22.40 8.28
C ALA B 5 27.28 -21.01 8.64
N ASP B 6 28.14 -20.21 9.27
CA ASP B 6 27.82 -18.82 9.57
C ASP B 6 28.60 -17.92 8.63
N THR B 7 27.98 -16.84 8.17
CA THR B 7 28.64 -15.89 7.30
C THR B 7 28.03 -14.50 7.43
N THR B 8 28.70 -13.51 6.85
CA THR B 8 28.22 -12.14 6.89
C THR B 8 27.08 -11.92 5.90
N LEU B 9 25.89 -11.69 6.44
CA LEU B 9 24.71 -11.46 5.62
C LEU B 9 24.61 -9.99 5.26
N PHE B 10 23.86 -9.69 4.20
CA PHE B 10 23.53 -8.30 3.87
C PHE B 10 22.02 -8.14 3.86
N CYS B 11 21.55 -6.90 3.94
CA CYS B 11 20.11 -6.65 4.02
C CYS B 11 19.55 -5.98 2.77
N ALA B 12 18.27 -6.21 2.51
CA ALA B 12 17.59 -5.61 1.39
C ALA B 12 16.25 -5.03 1.83
N SER B 13 15.87 -3.89 1.26
CA SER B 13 14.62 -3.23 1.61
C SER B 13 14.09 -2.38 0.47
N ASP B 14 12.90 -1.82 0.66
CA ASP B 14 12.30 -0.94 -0.33
C ASP B 14 12.29 0.50 0.18
N ALA B 15 13.30 0.85 0.99
CA ALA B 15 13.40 2.17 1.59
C ALA B 15 13.49 3.29 0.55
N LYS B 16 13.02 4.47 0.94
CA LYS B 16 13.05 5.62 0.05
C LYS B 16 14.10 6.63 0.51
N ALA B 17 14.89 7.11 -0.44
CA ALA B 17 16.04 7.97 -0.13
C ALA B 17 15.63 9.37 0.35
N HIS B 18 14.42 9.80 0.01
CA HIS B 18 13.96 11.13 0.35
C HIS B 18 13.25 11.21 1.70
N GLU B 19 13.01 10.05 2.31
CA GLU B 19 12.30 9.98 3.58
C GLU B 19 13.17 10.36 4.77
N THR B 20 12.57 11.09 5.73
CA THR B 20 13.26 11.41 6.96
C THR B 20 12.98 10.38 8.04
N GLU B 21 12.05 9.47 7.75
CA GLU B 21 11.73 8.38 8.67
C GLU B 21 12.98 7.55 8.90
N VAL B 22 13.30 7.28 10.16
CA VAL B 22 14.60 6.74 10.54
C VAL B 22 14.93 5.35 9.99
N HIS B 23 13.94 4.48 9.88
CA HIS B 23 14.18 3.14 9.32
C HIS B 23 14.52 3.24 7.84
N ASN B 24 13.85 4.15 7.14
CA ASN B 24 14.13 4.42 5.74
C ASN B 24 15.55 4.95 5.55
N VAL B 25 15.94 5.93 6.37
CA VAL B 25 17.27 6.50 6.31
C VAL B 25 18.34 5.44 6.52
N TRP B 26 18.17 4.60 7.54
CA TRP B 26 19.13 3.55 7.85
C TRP B 26 19.24 2.55 6.70
N ALA B 27 18.10 2.06 6.22
CA ALA B 27 18.09 1.06 5.16
C ALA B 27 18.60 1.61 3.84
N THR B 28 18.51 2.92 3.66
CA THR B 28 19.01 3.55 2.44
C THR B 28 20.53 3.42 2.30
N HIS B 29 21.25 3.57 3.41
CA HIS B 29 22.70 3.49 3.38
C HIS B 29 23.26 2.17 3.87
N ALA B 30 22.41 1.33 4.46
CA ALA B 30 22.88 0.06 5.00
C ALA B 30 22.36 -1.15 4.23
N CYS B 31 21.36 -0.94 3.38
CA CYS B 31 20.77 -2.03 2.60
C CYS B 31 20.73 -1.71 1.11
N VAL B 32 20.51 -2.75 0.31
CA VAL B 32 20.34 -2.60 -1.13
C VAL B 32 18.86 -2.78 -1.47
N PRO B 33 18.45 -2.39 -2.69
CA PRO B 33 17.06 -2.64 -3.10
C PRO B 33 16.76 -4.14 -3.17
N THR B 34 15.50 -4.50 -2.96
CA THR B 34 15.07 -5.89 -3.06
C THR B 34 15.01 -6.31 -4.52
N ASP B 35 15.10 -7.61 -4.78
CA ASP B 35 14.93 -8.11 -6.14
C ASP B 35 13.45 -8.27 -6.48
N PRO B 36 13.04 -7.86 -7.69
CA PRO B 36 11.65 -7.96 -8.12
C PRO B 36 11.27 -9.38 -8.48
N ASN B 37 12.28 -10.24 -8.64
CA ASN B 37 12.05 -11.64 -8.99
C ASN B 37 12.85 -12.61 -8.12
N PRO B 38 12.44 -12.78 -6.86
CA PRO B 38 13.12 -13.72 -5.96
C PRO B 38 12.91 -15.16 -6.41
N GLN B 39 13.93 -16.00 -6.25
CA GLN B 39 13.88 -17.36 -6.74
C GLN B 39 13.99 -18.39 -5.61
N GLU B 40 12.95 -19.20 -5.44
CA GLU B 40 12.93 -20.23 -4.42
C GLU B 40 12.95 -21.62 -5.07
N ILE B 41 13.77 -22.51 -4.52
CA ILE B 41 13.90 -23.85 -5.10
C ILE B 41 13.62 -24.98 -4.11
N HIS B 42 12.62 -25.79 -4.43
CA HIS B 42 12.24 -26.95 -3.64
C HIS B 42 13.28 -28.06 -3.77
N LEU B 43 13.94 -28.39 -2.66
CA LEU B 43 15.00 -29.38 -2.66
C LEU B 43 14.46 -30.80 -2.53
N GLU B 44 14.31 -31.49 -3.67
CA GLU B 44 13.66 -32.80 -3.73
C GLU B 44 14.26 -33.84 -2.79
N ASN B 45 13.40 -34.42 -1.95
CA ASN B 45 13.78 -35.47 -1.01
C ASN B 45 14.92 -35.09 -0.07
N VAL B 46 14.95 -33.82 0.34
CA VAL B 46 15.98 -33.33 1.24
C VAL B 46 15.42 -33.04 2.64
N THR B 47 16.02 -33.66 3.65
CA THR B 47 15.63 -33.45 5.03
C THR B 47 16.73 -32.71 5.77
N GLU B 48 16.39 -31.56 6.36
CA GLU B 48 17.37 -30.74 7.07
C GLU B 48 17.01 -30.52 8.53
N ASN B 49 18.03 -30.42 9.36
CA ASN B 49 17.85 -30.18 10.79
C ASN B 49 18.01 -28.70 11.13
N PHE B 50 17.00 -28.15 11.79
CA PHE B 50 17.00 -26.74 12.15
C PHE B 50 17.09 -26.54 13.66
N ASN B 51 17.57 -25.38 14.06
CA ASN B 51 17.58 -24.99 15.47
C ASN B 51 17.44 -23.48 15.57
N MET B 52 16.21 -23.01 15.77
CA MET B 52 15.93 -21.58 15.83
C MET B 52 16.61 -20.93 17.03
N TRP B 53 16.93 -21.72 18.05
CA TRP B 53 17.48 -21.21 19.29
C TRP B 53 19.00 -21.05 19.23
N LYS B 54 19.60 -21.62 18.18
CA LYS B 54 21.02 -21.42 17.92
C LYS B 54 21.20 -21.01 16.46
N ASN B 55 20.74 -19.80 16.13
CA ASN B 55 20.77 -19.30 14.78
C ASN B 55 21.50 -17.96 14.72
N ASN B 56 22.63 -17.94 14.02
CA ASN B 56 23.46 -16.73 13.93
C ASN B 56 22.77 -15.58 13.21
N MET B 57 21.75 -15.91 12.41
CA MET B 57 20.96 -14.89 11.74
C MET B 57 20.28 -13.98 12.75
N VAL B 58 19.94 -14.54 13.91
CA VAL B 58 19.29 -13.80 14.98
C VAL B 58 20.24 -12.76 15.56
N GLU B 59 21.47 -13.18 15.86
CA GLU B 59 22.49 -12.28 16.37
C GLU B 59 22.78 -11.16 15.38
N GLN B 60 22.80 -11.49 14.10
CA GLN B 60 23.09 -10.51 13.06
C GLN B 60 21.98 -9.46 12.93
N MET B 61 20.73 -9.90 13.00
CA MET B 61 19.62 -8.95 12.97
C MET B 61 19.64 -8.07 14.22
N GLN B 62 19.97 -8.67 15.35
CA GLN B 62 20.08 -7.93 16.61
C GLN B 62 21.08 -6.79 16.48
N GLU B 63 22.23 -7.09 15.90
CA GLU B 63 23.29 -6.10 15.70
C GLU B 63 22.81 -4.95 14.82
N ASP B 64 22.05 -5.27 13.78
CA ASP B 64 21.48 -4.26 12.89
C ASP B 64 20.51 -3.33 13.60
N VAL B 65 19.57 -3.90 14.33
CA VAL B 65 18.55 -3.12 15.01
C VAL B 65 19.18 -2.25 16.09
N ILE B 66 20.18 -2.80 16.78
CA ILE B 66 20.93 -2.05 17.77
C ILE B 66 21.61 -0.86 17.09
N SER B 67 22.25 -1.12 15.96
CA SER B 67 22.92 -0.07 15.20
C SER B 67 21.91 0.96 14.71
N LEU B 68 20.76 0.50 14.25
CA LEU B 68 19.70 1.38 13.76
C LEU B 68 19.22 2.32 14.86
N TRP B 69 18.89 1.76 16.03
CA TRP B 69 18.39 2.55 17.14
C TRP B 69 19.43 3.54 17.66
N ASP B 70 20.69 3.12 17.73
CA ASP B 70 21.76 3.99 18.23
C ASP B 70 21.97 5.21 17.33
N GLN B 71 21.74 5.05 16.04
CA GLN B 71 21.93 6.13 15.07
C GLN B 71 20.68 6.98 14.91
N SER B 72 19.53 6.46 15.36
CA SER B 72 18.25 7.09 15.07
C SER B 72 17.65 7.85 16.24
N LEU B 73 17.55 7.19 17.39
CA LEU B 73 16.91 7.79 18.55
C LEU B 73 17.79 8.83 19.23
N GLN B 74 17.18 9.93 19.65
CA GLN B 74 17.91 11.03 20.26
C GLN B 74 17.33 11.43 21.60
N PRO B 75 17.70 10.70 22.66
CA PRO B 75 17.27 11.03 24.02
C PRO B 75 17.96 12.31 24.49
N CYS B 76 17.29 13.07 25.35
CA CYS B 76 17.86 14.30 25.89
C CYS B 76 19.03 13.98 26.80
N VAL B 77 18.89 12.90 27.58
CA VAL B 77 19.92 12.48 28.51
C VAL B 77 20.12 10.97 28.43
N LYS B 78 21.37 10.54 28.34
CA LYS B 78 21.69 9.12 28.34
C LYS B 78 22.56 8.78 29.54
N LEU B 79 22.12 7.80 30.33
CA LEU B 79 22.86 7.38 31.51
C LEU B 79 23.41 5.98 31.32
N THR B 80 24.70 5.89 31.01
CA THR B 80 25.33 4.61 30.71
C THR B 80 26.81 4.58 31.05
N GLY B 81 27.27 3.44 31.56
CA GLY B 81 28.67 3.25 31.90
C GLY B 81 29.14 4.02 33.11
N GLY B 82 28.24 4.78 33.72
CA GLY B 82 28.60 5.63 34.84
C GLY B 82 28.76 7.07 34.39
N SER B 83 28.30 7.35 33.17
CA SER B 83 28.43 8.68 32.57
C SER B 83 27.07 9.30 32.24
N VAL B 84 27.00 10.62 32.31
CA VAL B 84 25.78 11.35 31.99
C VAL B 84 25.97 12.17 30.72
N ILE B 85 25.34 11.72 29.64
CA ILE B 85 25.46 12.42 28.36
C ILE B 85 24.22 13.22 28.02
N LYS B 86 24.34 14.53 28.04
CA LYS B 86 23.24 15.42 27.69
C LYS B 86 23.39 15.88 26.24
N GLN B 87 22.30 15.92 25.50
CA GLN B 87 22.33 16.28 24.09
C GLN B 87 20.97 16.78 23.63
N ALA B 88 20.90 17.24 22.38
CA ALA B 88 19.66 17.69 21.79
C ALA B 88 18.71 16.52 21.60
N CYS B 89 17.41 16.76 21.81
CA CYS B 89 16.41 15.71 21.67
C CYS B 89 15.25 16.11 20.77
N PRO B 90 15.52 16.28 19.46
CA PRO B 90 14.43 16.63 18.54
C PRO B 90 13.54 15.42 18.30
N LYS B 91 12.28 15.66 17.97
CA LYS B 91 11.35 14.58 17.67
C LYS B 91 11.70 13.95 16.32
N ILE B 92 11.50 12.64 16.22
CA ILE B 92 11.87 11.92 15.00
C ILE B 92 10.66 11.26 14.34
N SER B 93 10.81 10.91 13.07
CA SER B 93 9.81 10.13 12.36
C SER B 93 10.18 8.66 12.47
N PHE B 94 9.26 7.85 13.00
CA PHE B 94 9.57 6.48 13.38
C PHE B 94 8.46 5.52 12.98
N ASP B 95 8.75 4.66 12.01
CA ASP B 95 7.81 3.61 11.58
C ASP B 95 8.58 2.51 10.86
N PRO B 96 8.73 1.35 11.52
CA PRO B 96 9.52 0.22 11.00
C PRO B 96 9.08 -0.23 9.62
N ILE B 97 10.05 -0.59 8.78
CA ILE B 97 9.75 -1.11 7.45
C ILE B 97 10.31 -2.53 7.33
N PRO B 98 9.79 -3.32 6.37
CA PRO B 98 10.31 -4.69 6.21
C PRO B 98 11.77 -4.72 5.79
N ILE B 99 12.54 -5.62 6.41
CA ILE B 99 13.93 -5.82 6.06
C ILE B 99 14.17 -7.28 5.69
N HIS B 100 14.79 -7.51 4.54
CA HIS B 100 15.12 -8.86 4.10
C HIS B 100 16.58 -9.16 4.39
N TYR B 101 16.86 -10.39 4.82
CA TYR B 101 18.24 -10.80 5.06
C TYR B 101 18.71 -11.82 4.04
N CYS B 102 19.84 -11.54 3.40
CA CYS B 102 20.30 -12.32 2.25
C CYS B 102 21.72 -12.82 2.41
N THR B 103 22.00 -13.97 1.80
CA THR B 103 23.34 -14.56 1.81
C THR B 103 24.18 -14.06 0.64
N PRO B 104 25.51 -13.95 0.85
CA PRO B 104 26.43 -13.59 -0.23
C PRO B 104 26.67 -14.77 -1.16
N ALA B 105 27.53 -14.57 -2.16
CA ALA B 105 27.84 -15.63 -3.11
C ALA B 105 28.53 -16.81 -2.43
N GLY B 106 28.15 -18.02 -2.82
CA GLY B 106 28.72 -19.22 -2.22
C GLY B 106 27.90 -19.70 -1.04
N TYR B 107 26.83 -18.96 -0.73
CA TYR B 107 25.97 -19.29 0.39
C TYR B 107 24.50 -19.24 -0.02
N VAL B 108 23.68 -20.09 0.60
CA VAL B 108 22.26 -20.12 0.33
C VAL B 108 21.48 -20.24 1.65
N ILE B 109 20.29 -19.64 1.70
CA ILE B 109 19.42 -19.78 2.86
C ILE B 109 18.44 -20.94 2.66
N LEU B 110 18.43 -21.87 3.59
CA LEU B 110 17.47 -22.98 3.55
C LEU B 110 16.22 -22.63 4.36
N LYS B 111 15.06 -22.81 3.74
CA LYS B 111 13.80 -22.45 4.36
C LYS B 111 12.95 -23.68 4.66
N CYS B 112 12.57 -23.84 5.92
CA CYS B 112 11.70 -24.95 6.31
C CYS B 112 10.24 -24.61 6.05
N ASN B 113 9.58 -25.45 5.27
CA ASN B 113 8.20 -25.20 4.90
C ASN B 113 7.22 -26.21 5.49
N ASP B 114 7.68 -26.95 6.50
CA ASP B 114 6.80 -27.84 7.25
C ASP B 114 5.75 -27.03 7.97
N LYS B 115 4.48 -27.33 7.70
CA LYS B 115 3.36 -26.55 8.21
C LYS B 115 3.26 -26.54 9.73
N ASN B 116 3.78 -27.58 10.37
CA ASN B 116 3.72 -27.69 11.83
C ASN B 116 5.10 -27.60 12.47
N PHE B 117 6.02 -26.90 11.81
CA PHE B 117 7.39 -26.79 12.30
C PHE B 117 7.48 -25.98 13.59
N ASN B 118 8.01 -26.61 14.63
CA ASN B 118 8.08 -25.99 15.96
C ASN B 118 9.30 -25.11 16.19
N GLY B 119 10.27 -25.21 15.30
CA GLY B 119 11.47 -24.40 15.40
C GLY B 119 12.75 -25.20 15.57
N THR B 120 12.61 -26.45 15.98
CA THR B 120 13.76 -27.32 16.17
C THR B 120 13.51 -28.72 15.60
N GLY B 121 14.58 -29.40 15.21
CA GLY B 121 14.47 -30.74 14.66
C GLY B 121 14.49 -30.77 13.15
N PRO B 122 14.13 -31.92 12.56
CA PRO B 122 14.16 -32.14 11.11
C PRO B 122 13.04 -31.42 10.37
N CYS B 123 13.18 -31.32 9.05
CA CYS B 123 12.18 -30.67 8.21
C CYS B 123 12.06 -31.41 6.89
N LYS B 124 10.86 -31.89 6.58
CA LYS B 124 10.64 -32.71 5.38
C LYS B 124 10.51 -31.86 4.12
N ASN B 125 9.91 -30.69 4.25
CA ASN B 125 9.69 -29.80 3.11
C ASN B 125 10.65 -28.62 3.13
N VAL B 126 11.81 -28.80 2.49
CA VAL B 126 12.86 -27.79 2.52
C VAL B 126 13.04 -27.10 1.17
N SER B 127 13.14 -25.77 1.19
CA SER B 127 13.41 -25.00 -0.01
C SER B 127 14.64 -24.12 0.17
N SER B 128 15.17 -23.61 -0.94
CA SER B 128 16.34 -22.75 -0.90
C SER B 128 16.03 -21.36 -1.45
N VAL B 129 16.39 -20.33 -0.68
CA VAL B 129 16.12 -18.96 -1.08
C VAL B 129 17.36 -18.08 -0.95
N GLN B 130 17.36 -16.96 -1.66
CA GLN B 130 18.46 -16.01 -1.57
C GLN B 130 18.29 -15.11 -0.35
N CYS B 131 17.05 -14.71 -0.09
CA CYS B 131 16.76 -13.82 1.03
C CYS B 131 15.54 -14.30 1.82
N THR B 132 15.42 -13.81 3.05
CA THR B 132 14.26 -14.11 3.86
C THR B 132 13.10 -13.20 3.44
N HIS B 133 11.92 -13.44 4.01
CA HIS B 133 10.78 -12.56 3.77
C HIS B 133 11.03 -11.22 4.47
N GLY B 134 10.20 -10.24 4.15
CA GLY B 134 10.33 -8.92 4.74
C GLY B 134 9.95 -8.91 6.21
N ILE B 135 10.94 -8.64 7.06
CA ILE B 135 10.72 -8.64 8.51
C ILE B 135 10.84 -7.23 9.08
N LYS B 136 9.78 -6.77 9.75
CA LYS B 136 9.82 -5.49 10.44
C LYS B 136 10.49 -5.64 11.80
N PRO B 137 11.52 -4.82 12.08
CA PRO B 137 12.24 -4.89 13.35
C PRO B 137 11.48 -4.22 14.48
N VAL B 138 10.33 -4.77 14.85
CA VAL B 138 9.51 -4.20 15.91
C VAL B 138 10.03 -4.62 17.27
N VAL B 139 10.48 -3.64 18.04
CA VAL B 139 10.97 -3.90 19.39
C VAL B 139 9.82 -3.80 20.38
N SER B 140 9.47 -4.92 21.00
CA SER B 140 8.38 -4.95 21.97
C SER B 140 8.55 -6.09 22.97
N THR B 141 7.74 -6.07 24.02
CA THR B 141 7.73 -7.14 25.01
C THR B 141 6.33 -7.74 25.13
N GLN B 142 6.26 -8.92 25.75
CA GLN B 142 5.00 -9.64 25.95
C GLN B 142 4.29 -10.04 24.67
N LEU B 143 3.94 -9.06 23.84
CA LEU B 143 3.23 -9.34 22.60
C LEU B 143 4.12 -9.07 21.39
N LEU B 144 4.08 -9.99 20.42
CA LEU B 144 4.80 -9.81 19.17
C LEU B 144 3.89 -9.13 18.16
N LEU B 145 4.35 -8.01 17.60
CA LEU B 145 3.49 -7.16 16.77
C LEU B 145 3.91 -7.09 15.31
N ASN B 146 2.93 -6.97 14.43
CA ASN B 146 3.15 -6.81 12.99
C ASN B 146 4.04 -7.89 12.38
N GLY B 147 3.92 -9.12 12.87
CA GLY B 147 4.74 -10.21 12.40
C GLY B 147 4.00 -11.12 11.43
N SER B 148 4.53 -12.33 11.25
CA SER B 148 3.89 -13.31 10.38
C SER B 148 3.09 -14.31 11.21
N LEU B 149 2.07 -14.90 10.59
CA LEU B 149 1.20 -15.85 11.28
C LEU B 149 1.55 -17.29 10.88
N ALA B 150 1.33 -18.22 11.81
CA ALA B 150 1.45 -19.64 11.50
C ALA B 150 0.37 -20.00 10.48
N GLU B 151 0.72 -20.85 9.51
CA GLU B 151 -0.17 -21.12 8.39
C GLU B 151 -1.32 -22.07 8.73
N GLU B 152 -1.06 -23.05 9.59
CA GLU B 152 -2.08 -24.02 9.95
C GLU B 152 -2.56 -23.84 11.39
N GLU B 153 -2.01 -24.63 12.30
CA GLU B 153 -2.38 -24.56 13.71
C GLU B 153 -1.48 -23.59 14.46
N ILE B 154 -1.85 -23.29 15.71
CA ILE B 154 -1.02 -22.48 16.58
C ILE B 154 0.22 -23.26 16.99
N ILE B 155 1.39 -22.65 16.82
CA ILE B 155 2.64 -23.33 17.09
C ILE B 155 3.28 -22.88 18.41
N ILE B 156 3.65 -23.85 19.24
CA ILE B 156 4.36 -23.57 20.48
C ILE B 156 5.85 -23.79 20.28
N ARG B 157 6.65 -22.76 20.57
CA ARG B 157 8.09 -22.83 20.35
C ARG B 157 8.88 -22.66 21.64
N SER B 158 9.81 -23.59 21.88
CA SER B 158 10.68 -23.52 23.04
C SER B 158 11.92 -24.38 22.83
N GLU B 159 13.06 -23.92 23.35
CA GLU B 159 14.29 -24.69 23.26
C GLU B 159 14.20 -25.94 24.11
N ASN B 160 13.43 -25.84 25.19
CA ASN B 160 13.20 -26.95 26.10
C ASN B 160 11.97 -26.69 26.96
N LEU B 161 10.84 -27.28 26.58
CA LEU B 161 9.56 -27.05 27.26
C LEU B 161 9.57 -27.48 28.72
N THR B 162 10.21 -28.62 29.01
CA THR B 162 10.28 -29.11 30.39
C THR B 162 11.11 -28.20 31.27
N ASN B 163 11.95 -27.37 30.65
CA ASN B 163 12.71 -26.35 31.35
C ASN B 163 11.86 -25.10 31.50
N ASN B 164 11.58 -24.71 32.74
CA ASN B 164 10.74 -23.55 33.00
C ASN B 164 11.47 -22.23 32.79
N ALA B 165 12.77 -22.30 32.58
CA ALA B 165 13.60 -21.11 32.42
C ALA B 165 13.74 -20.70 30.95
N LYS B 166 13.36 -21.61 30.05
CA LYS B 166 13.43 -21.33 28.62
C LYS B 166 12.14 -20.66 28.14
N THR B 167 12.30 -19.51 27.49
CA THR B 167 11.16 -18.72 27.03
C THR B 167 10.32 -19.46 25.99
N ILE B 168 9.00 -19.34 26.13
CA ILE B 168 8.08 -19.94 25.17
C ILE B 168 7.58 -18.88 24.19
N ILE B 169 7.64 -19.19 22.89
CA ILE B 169 7.09 -18.32 21.87
C ILE B 169 5.84 -18.94 21.25
N VAL B 170 4.72 -18.27 21.43
CA VAL B 170 3.47 -18.72 20.83
C VAL B 170 3.29 -18.07 19.46
N HIS B 171 3.08 -18.89 18.44
CA HIS B 171 2.87 -18.37 17.09
C HIS B 171 1.40 -18.54 16.70
N LEU B 172 0.71 -17.42 16.59
CA LEU B 172 -0.73 -17.43 16.29
C LEU B 172 -1.00 -17.72 14.83
N ASN B 173 -2.17 -18.28 14.53
CA ASN B 173 -2.59 -18.49 13.15
C ASN B 173 -3.70 -17.52 12.73
N LYS B 174 -4.10 -16.68 13.68
CA LYS B 174 -5.07 -15.62 13.41
C LYS B 174 -4.66 -14.37 14.17
N SER B 175 -4.50 -13.26 13.44
CA SER B 175 -4.07 -12.01 14.05
C SER B 175 -5.22 -11.32 14.78
N VAL B 176 -4.88 -10.62 15.85
CA VAL B 176 -5.85 -9.81 16.59
C VAL B 176 -5.31 -8.39 16.70
N GLU B 177 -6.07 -7.42 16.19
CA GLU B 177 -5.63 -6.04 16.22
C GLU B 177 -5.59 -5.46 17.63
N ILE B 178 -4.53 -4.72 17.93
CA ILE B 178 -4.48 -3.91 19.15
C ILE B 178 -4.38 -2.44 18.77
N ASN B 179 -5.36 -1.66 19.23
CA ASN B 179 -5.51 -0.27 18.81
C ASN B 179 -5.13 0.68 19.93
N CYS B 180 -3.89 1.18 19.88
CA CYS B 180 -3.36 2.04 20.94
C CYS B 180 -3.40 3.50 20.55
N THR B 181 -3.92 4.34 21.45
CA THR B 181 -4.13 5.74 21.13
C THR B 181 -3.85 6.68 22.30
N ARG B 182 -3.07 7.73 22.03
CA ARG B 182 -2.99 8.87 22.92
C ARG B 182 -3.82 9.96 22.26
N PRO B 183 -5.03 10.19 22.77
CA PRO B 183 -5.97 11.15 22.16
C PRO B 183 -5.43 12.57 22.17
N SER B 184 -5.84 13.37 21.19
CA SER B 184 -5.40 14.76 21.10
C SER B 184 -5.86 15.56 22.32
N ASN B 185 -7.16 15.86 22.36
CA ASN B 185 -7.75 16.58 23.49
C ASN B 185 -9.19 16.14 23.77
N GLY B 192 -5.59 17.96 30.74
CA GLY B 192 -5.52 16.53 30.53
C GLY B 192 -4.12 15.97 30.78
N ASP B 193 -4.02 14.66 30.87
CA ASP B 193 -2.74 13.99 31.08
C ASP B 193 -2.14 13.57 29.76
N ILE B 194 -1.10 14.29 29.34
CA ILE B 194 -0.48 14.06 28.03
C ILE B 194 0.22 12.71 27.92
N ARG B 195 0.41 12.03 29.03
CA ARG B 195 1.08 10.73 29.04
C ARG B 195 0.10 9.58 29.12
N LYS B 196 -1.17 9.90 29.34
CA LYS B 196 -2.20 8.86 29.46
C LYS B 196 -2.64 8.36 28.09
N ALA B 197 -2.62 7.05 27.90
CA ALA B 197 -3.04 6.43 26.65
C ALA B 197 -3.81 5.15 26.92
N TYR B 198 -4.28 4.50 25.85
CA TYR B 198 -5.01 3.25 26.00
C TYR B 198 -4.95 2.39 24.74
N CYS B 199 -5.04 1.08 24.94
CA CYS B 199 -5.09 0.13 23.82
C CYS B 199 -6.41 -0.62 23.83
N GLU B 200 -7.08 -0.64 22.68
CA GLU B 200 -8.35 -1.33 22.54
C GLU B 200 -8.18 -2.64 21.77
N ILE B 201 -8.77 -3.71 22.31
CA ILE B 201 -8.73 -5.02 21.66
C ILE B 201 -10.11 -5.64 21.67
N ASN B 202 -10.49 -6.27 20.55
CA ASN B 202 -11.78 -6.94 20.46
C ASN B 202 -11.78 -8.21 21.31
N GLY B 203 -12.56 -8.18 22.39
CA GLY B 203 -12.64 -9.30 23.32
C GLY B 203 -13.15 -10.59 22.70
N THR B 204 -14.09 -10.46 21.76
CA THR B 204 -14.64 -11.63 21.07
C THR B 204 -13.55 -12.36 20.30
N LYS B 205 -12.75 -11.61 19.57
CA LYS B 205 -11.66 -12.17 18.78
C LYS B 205 -10.55 -12.70 19.68
N TRP B 206 -10.15 -11.89 20.65
CA TRP B 206 -9.00 -12.21 21.50
C TRP B 206 -9.23 -13.43 22.39
N ASN B 207 -10.35 -13.43 23.11
CA ASN B 207 -10.64 -14.54 24.02
C ASN B 207 -10.83 -15.87 23.32
N LYS B 208 -11.29 -15.83 22.08
CA LYS B 208 -11.41 -17.06 21.28
C LYS B 208 -10.03 -17.59 20.92
N VAL B 209 -9.16 -16.69 20.47
CA VAL B 209 -7.79 -17.05 20.11
C VAL B 209 -7.02 -17.57 21.32
N LEU B 210 -7.13 -16.84 22.43
CA LEU B 210 -6.42 -17.19 23.66
C LEU B 210 -6.89 -18.54 24.20
N LYS B 211 -8.13 -18.90 23.88
CA LYS B 211 -8.66 -20.20 24.25
C LYS B 211 -7.99 -21.30 23.43
N GLN B 212 -7.79 -21.02 22.14
CA GLN B 212 -7.12 -21.95 21.25
C GLN B 212 -5.67 -22.15 21.66
N VAL B 213 -5.07 -21.09 22.22
CA VAL B 213 -3.70 -21.14 22.72
C VAL B 213 -3.60 -22.09 23.91
N THR B 214 -4.50 -21.94 24.87
CA THR B 214 -4.52 -22.79 26.06
C THR B 214 -4.76 -24.24 25.70
N GLU B 215 -5.65 -24.47 24.74
CA GLU B 215 -5.95 -25.82 24.27
C GLU B 215 -4.74 -26.43 23.57
N LYS B 216 -3.87 -25.57 23.05
CA LYS B 216 -2.65 -26.03 22.42
C LYS B 216 -1.57 -26.26 23.47
N LEU B 217 -1.64 -25.52 24.57
CA LEU B 217 -0.72 -25.70 25.68
C LEU B 217 -1.02 -26.99 26.44
N LYS B 218 -2.31 -27.30 26.58
CA LYS B 218 -2.74 -28.56 27.20
C LYS B 218 -2.22 -29.74 26.39
N GLU B 219 -2.14 -29.54 25.08
CA GLU B 219 -1.69 -30.58 24.15
C GLU B 219 -0.22 -30.95 24.41
N HIS B 220 0.53 -30.02 24.98
CA HIS B 220 1.94 -30.26 25.30
C HIS B 220 2.15 -30.69 26.75
N PHE B 221 1.25 -30.27 27.63
CA PHE B 221 1.41 -30.54 29.06
C PHE B 221 0.39 -31.53 29.61
N ASN B 222 0.15 -32.60 28.85
CA ASN B 222 -0.71 -33.71 29.29
C ASN B 222 -2.04 -33.32 29.91
N ASN B 223 -2.78 -32.44 29.23
CA ASN B 223 -4.12 -32.04 29.65
C ASN B 223 -4.20 -31.42 31.05
N LYS B 224 -3.09 -30.84 31.53
CA LYS B 224 -3.09 -30.15 32.80
C LYS B 224 -3.79 -28.80 32.66
N THR B 225 -4.27 -28.25 33.78
CA THR B 225 -4.98 -26.99 33.76
C THR B 225 -4.02 -25.82 33.51
N ILE B 226 -4.37 -24.98 32.54
CA ILE B 226 -3.51 -23.86 32.16
C ILE B 226 -4.04 -22.54 32.74
N ILE B 227 -3.18 -21.86 33.51
CA ILE B 227 -3.57 -20.63 34.18
C ILE B 227 -2.64 -19.48 33.82
N PHE B 228 -3.23 -18.31 33.52
CA PHE B 228 -2.45 -17.12 33.24
C PHE B 228 -2.37 -16.21 34.46
N GLN B 229 -1.19 -15.64 34.69
CA GLN B 229 -0.96 -14.71 35.78
C GLN B 229 -0.05 -13.58 35.30
N PRO B 230 -0.18 -12.39 35.90
CA PRO B 230 0.71 -11.27 35.57
C PRO B 230 2.15 -11.58 35.95
N PRO B 231 3.13 -10.94 35.29
CA PRO B 231 4.56 -11.14 35.55
C PRO B 231 4.93 -10.98 37.02
N SER B 232 5.93 -11.74 37.47
CA SER B 232 6.32 -11.73 38.88
C SER B 232 7.39 -10.68 39.16
N GLY B 233 7.06 -9.42 38.91
CA GLY B 233 7.97 -8.32 39.19
C GLY B 233 9.01 -8.12 38.11
N GLY B 234 9.87 -7.12 38.30
CA GLY B 234 10.89 -6.77 37.32
C GLY B 234 10.72 -5.35 36.82
N ASP B 235 11.52 -4.98 35.82
CA ASP B 235 11.43 -3.64 35.23
C ASP B 235 10.09 -3.47 34.53
N LEU B 236 9.67 -2.21 34.38
CA LEU B 236 8.38 -1.90 33.76
C LEU B 236 8.29 -2.38 32.31
N GLU B 237 9.44 -2.45 31.65
CA GLU B 237 9.47 -2.92 30.27
C GLU B 237 9.13 -4.40 30.19
N ILE B 238 9.32 -5.10 31.31
CA ILE B 238 9.06 -6.54 31.38
C ILE B 238 7.64 -6.83 31.84
N THR B 239 7.23 -6.16 32.91
CA THR B 239 5.93 -6.40 33.53
C THR B 239 4.79 -5.84 32.69
N MET B 240 5.11 -4.89 31.82
CA MET B 240 4.10 -4.29 30.93
C MET B 240 4.44 -4.54 29.48
N HIS B 241 3.43 -4.44 28.62
CA HIS B 241 3.63 -4.52 27.18
C HIS B 241 4.24 -3.20 26.72
N SER B 242 5.55 -3.21 26.49
CA SER B 242 6.25 -2.00 26.08
C SER B 242 6.56 -2.04 24.59
N PHE B 243 6.37 -0.91 23.93
CA PHE B 243 6.66 -0.78 22.51
C PHE B 243 6.86 0.68 22.15
N ASN B 244 7.28 0.94 20.93
CA ASN B 244 7.46 2.31 20.48
C ASN B 244 6.44 2.70 19.41
N CYS B 245 5.73 3.79 19.66
CA CYS B 245 4.69 4.27 18.75
C CYS B 245 4.97 5.71 18.36
N ARG B 246 5.31 5.92 17.09
CA ARG B 246 5.62 7.24 16.54
C ARG B 246 6.77 7.93 17.28
N GLY B 247 7.73 7.13 17.76
CA GLY B 247 8.87 7.67 18.49
C GLY B 247 8.65 7.71 19.99
N GLU B 248 7.40 7.52 20.41
CA GLU B 248 7.03 7.56 21.82
C GLU B 248 7.08 6.17 22.45
N PHE B 249 7.51 6.10 23.70
CA PHE B 249 7.60 4.82 24.41
C PHE B 249 6.36 4.51 25.23
N PHE B 250 5.54 3.59 24.72
CA PHE B 250 4.30 3.20 25.38
C PHE B 250 4.51 2.07 26.36
N TYR B 251 3.80 2.13 27.48
CA TYR B 251 3.83 1.08 28.49
C TYR B 251 2.39 0.71 28.84
N CYS B 252 1.97 -0.49 28.48
CA CYS B 252 0.57 -0.89 28.65
C CYS B 252 0.39 -2.08 29.58
N ASN B 253 -0.58 -1.97 30.48
CA ASN B 253 -0.91 -3.04 31.42
C ASN B 253 -1.76 -4.11 30.75
N THR B 254 -1.27 -5.35 30.76
CA THR B 254 -1.93 -6.44 30.05
C THR B 254 -2.68 -7.42 30.95
N THR B 255 -2.98 -6.99 32.18
CA THR B 255 -3.71 -7.83 33.13
C THR B 255 -5.05 -8.28 32.54
N GLN B 256 -5.73 -7.36 31.87
CA GLN B 256 -7.06 -7.64 31.32
C GLN B 256 -7.01 -8.52 30.08
N LEU B 257 -5.85 -8.60 29.43
CA LEU B 257 -5.69 -9.43 28.25
C LEU B 257 -5.68 -10.91 28.59
N PHE B 258 -5.16 -11.23 29.77
CA PHE B 258 -5.05 -12.62 30.20
C PHE B 258 -6.01 -12.93 31.35
N ASN B 259 -7.30 -12.79 31.07
CA ASN B 259 -8.35 -13.06 32.04
C ASN B 259 -8.85 -14.48 31.91
N ASN B 260 -8.49 -15.33 32.87
CA ASN B 260 -8.92 -16.72 32.84
C ASN B 260 -10.42 -16.93 32.85
N THR B 261 -11.14 -15.91 33.32
CA THR B 261 -12.59 -15.99 33.43
C THR B 261 -13.23 -15.64 32.10
N CYS B 262 -12.47 -15.02 31.20
CA CYS B 262 -13.05 -14.60 29.91
C CYS B 262 -12.64 -15.57 28.80
N ILE B 263 -11.58 -16.33 29.07
CA ILE B 263 -11.05 -17.27 28.09
C ILE B 263 -12.01 -18.43 27.91
N ASN B 272 -17.11 -9.99 26.15
CA ASN B 272 -17.40 -10.04 24.72
C ASN B 272 -17.15 -8.70 24.03
N GLY B 273 -17.06 -7.64 24.83
CA GLY B 273 -16.90 -6.30 24.30
C GLY B 273 -15.46 -5.87 24.10
N THR B 274 -15.25 -4.56 24.06
CA THR B 274 -13.92 -3.99 23.85
C THR B 274 -13.08 -4.07 25.12
N ILE B 275 -11.87 -4.61 24.99
CA ILE B 275 -10.93 -4.65 26.09
C ILE B 275 -10.05 -3.40 26.05
N THR B 276 -10.11 -2.60 27.11
CA THR B 276 -9.30 -1.38 27.17
C THR B 276 -8.17 -1.50 28.19
N LEU B 277 -6.94 -1.46 27.70
CA LEU B 277 -5.76 -1.52 28.56
C LEU B 277 -5.27 -0.11 28.86
N PRO B 278 -5.08 0.21 30.14
CA PRO B 278 -4.51 1.51 30.51
C PRO B 278 -3.03 1.57 30.16
N CYS B 279 -2.63 2.63 29.45
CA CYS B 279 -1.24 2.79 29.03
C CYS B 279 -0.65 4.11 29.49
N LYS B 280 0.67 4.21 29.44
CA LYS B 280 1.34 5.47 29.72
C LYS B 280 2.60 5.64 28.87
N ILE B 281 2.80 6.85 28.36
CA ILE B 281 4.01 7.18 27.61
C ILE B 281 5.08 7.64 28.58
N LYS B 282 6.19 6.91 28.65
CA LYS B 282 7.25 7.22 29.59
C LYS B 282 8.43 7.93 28.92
N GLN B 283 8.91 8.99 29.57
CA GLN B 283 10.07 9.72 29.09
C GLN B 283 11.35 9.02 29.52
N ILE B 284 11.32 8.47 30.72
CA ILE B 284 12.48 7.77 31.28
C ILE B 284 12.32 6.27 31.11
N ILE B 285 13.26 5.64 30.41
CA ILE B 285 13.15 4.23 30.09
C ILE B 285 14.45 3.49 30.37
N ASN B 286 14.36 2.17 30.48
CA ASN B 286 15.54 1.32 30.47
C ASN B 286 15.82 0.88 29.05
N MET B 287 17.05 1.07 28.60
CA MET B 287 17.42 0.71 27.23
C MET B 287 17.47 -0.79 27.02
N TRP B 288 16.75 -1.27 26.00
CA TRP B 288 16.71 -2.69 25.69
C TRP B 288 18.06 -3.18 25.18
N GLN B 289 18.88 -2.26 24.71
CA GLN B 289 20.22 -2.59 24.23
C GLN B 289 21.09 -3.10 25.37
N GLY B 290 20.73 -2.74 26.60
CA GLY B 290 21.44 -3.20 27.78
C GLY B 290 22.42 -2.18 28.33
N THR B 291 22.50 -1.03 27.66
CA THR B 291 23.46 0.02 28.05
C THR B 291 23.13 0.61 29.42
N GLY B 292 21.93 1.14 29.57
CA GLY B 292 21.50 1.75 30.82
C GLY B 292 20.09 2.31 30.72
N GLN B 293 19.94 3.58 31.07
CA GLN B 293 18.65 4.25 30.98
C GLN B 293 18.74 5.58 30.23
N ALA B 294 17.61 6.02 29.68
CA ALA B 294 17.58 7.24 28.89
C ALA B 294 16.32 8.04 29.15
N MET B 295 16.41 9.36 28.96
CA MET B 295 15.26 10.23 29.13
C MET B 295 14.95 11.02 27.86
N TYR B 296 13.69 10.99 27.46
CA TYR B 296 13.24 11.68 26.25
C TYR B 296 12.33 12.84 26.61
N ALA B 297 11.94 13.62 25.60
CA ALA B 297 11.06 14.75 25.80
C ALA B 297 9.61 14.28 25.97
N PRO B 298 8.74 15.15 26.51
CA PRO B 298 7.31 14.85 26.56
C PRO B 298 6.75 14.55 25.18
N PRO B 299 5.63 13.81 25.10
CA PRO B 299 5.05 13.38 23.82
C PRO B 299 4.71 14.53 22.89
N ILE B 300 4.67 14.24 21.60
CA ILE B 300 4.26 15.22 20.59
C ILE B 300 2.80 15.61 20.78
N ASP B 301 2.40 16.73 20.20
CA ASP B 301 1.01 17.18 20.27
C ASP B 301 0.12 16.36 19.34
N GLY B 302 -1.19 16.43 19.58
CA GLY B 302 -2.15 15.80 18.69
C GLY B 302 -2.36 14.31 18.94
N LYS B 303 -3.20 13.70 18.11
CA LYS B 303 -3.52 12.29 18.22
C LYS B 303 -2.33 11.41 17.87
N ILE B 304 -1.98 10.51 18.78
CA ILE B 304 -0.94 9.52 18.53
C ILE B 304 -1.59 8.14 18.47
N ASN B 305 -1.45 7.46 17.34
CA ASN B 305 -2.16 6.19 17.15
C ASN B 305 -1.31 5.12 16.48
N CYS B 306 -1.37 3.91 17.03
CA CYS B 306 -0.69 2.76 16.44
C CYS B 306 -1.57 1.52 16.50
N VAL B 307 -2.03 1.07 15.34
CA VAL B 307 -2.81 -0.15 15.24
C VAL B 307 -1.92 -1.29 14.74
N SER B 308 -1.72 -2.29 15.59
CA SER B 308 -0.84 -3.40 15.26
C SER B 308 -1.57 -4.73 15.31
N ASN B 309 -1.10 -5.69 14.51
CA ASN B 309 -1.60 -7.06 14.59
C ASN B 309 -0.80 -7.84 15.63
N ILE B 310 -1.50 -8.41 16.60
CA ILE B 310 -0.85 -9.31 17.54
C ILE B 310 -0.69 -10.68 16.87
N THR B 311 0.55 -11.04 16.57
CA THR B 311 0.82 -12.25 15.82
C THR B 311 1.54 -13.31 16.66
N GLY B 312 1.93 -12.92 17.86
CA GLY B 312 2.65 -13.83 18.74
C GLY B 312 2.61 -13.41 20.19
N ILE B 313 2.94 -14.35 21.08
CA ILE B 313 2.97 -14.09 22.51
C ILE B 313 4.22 -14.69 23.15
N LEU B 314 4.89 -13.91 24.00
CA LEU B 314 6.02 -14.42 24.76
C LEU B 314 5.57 -14.84 26.16
N LEU B 315 5.84 -16.09 26.51
CA LEU B 315 5.40 -16.62 27.80
C LEU B 315 6.54 -17.25 28.61
N THR B 316 6.44 -17.13 29.93
CA THR B 316 7.36 -17.80 30.83
C THR B 316 6.56 -18.67 31.79
N ARG B 317 6.90 -19.95 31.87
CA ARG B 317 6.18 -20.90 32.70
C ARG B 317 6.81 -21.00 34.09
N ASP B 318 5.95 -21.06 35.12
CA ASP B 318 6.43 -21.14 36.49
C ASP B 318 7.01 -22.51 36.82
N GLY B 319 7.94 -22.52 37.76
CA GLY B 319 8.52 -23.76 38.24
C GLY B 319 7.95 -24.15 39.59
N GLY B 320 7.91 -25.45 39.86
CA GLY B 320 7.36 -25.94 41.11
C GLY B 320 5.95 -26.48 40.94
N ALA B 321 5.54 -26.66 39.68
CA ALA B 321 4.22 -27.15 39.37
C ALA B 321 4.21 -28.68 39.24
N ASN B 322 5.32 -29.30 39.62
CA ASN B 322 5.47 -30.74 39.54
C ASN B 322 4.53 -31.46 40.52
N ASN B 323 4.48 -30.98 41.75
CA ASN B 323 3.63 -31.57 42.78
C ASN B 323 2.15 -31.26 42.59
N THR B 324 1.85 -30.04 42.17
CA THR B 324 0.47 -29.57 42.11
C THR B 324 -0.19 -29.78 40.75
N SER B 325 -1.51 -29.65 40.72
CA SER B 325 -2.26 -29.69 39.47
C SER B 325 -2.40 -28.27 38.94
N ASN B 326 -1.35 -27.79 38.30
CA ASN B 326 -1.30 -26.42 37.80
C ASN B 326 -0.18 -26.25 36.79
N GLU B 327 -0.39 -25.36 35.83
CA GLU B 327 0.68 -24.92 34.94
C GLU B 327 0.50 -23.44 34.63
N THR B 328 1.21 -22.60 35.39
CA THR B 328 1.04 -21.17 35.31
C THR B 328 1.98 -20.50 34.31
N PHE B 329 1.42 -19.65 33.46
CA PHE B 329 2.20 -18.93 32.46
C PHE B 329 2.05 -17.43 32.63
N ARG B 330 3.15 -16.71 32.40
CA ARG B 330 3.15 -15.26 32.54
C ARG B 330 3.76 -14.61 31.30
N PRO B 331 3.20 -13.47 30.86
CA PRO B 331 3.75 -12.75 29.71
C PRO B 331 5.15 -12.22 29.99
N GLY B 332 6.13 -12.71 29.23
CA GLY B 332 7.51 -12.33 29.44
C GLY B 332 8.04 -11.43 28.34
N GLY B 333 9.21 -10.86 28.57
CA GLY B 333 9.85 -9.99 27.60
C GLY B 333 11.25 -9.60 28.03
N GLY B 334 11.93 -8.82 27.20
CA GLY B 334 13.27 -8.37 27.51
C GLY B 334 14.29 -8.81 26.48
N ASN B 335 14.49 -10.11 26.35
CA ASN B 335 15.42 -10.64 25.37
C ASN B 335 14.88 -10.40 23.96
N ILE B 336 15.23 -9.25 23.40
CA ILE B 336 14.72 -8.83 22.10
C ILE B 336 15.14 -9.77 20.97
N LYS B 337 16.17 -10.57 21.22
CA LYS B 337 16.58 -11.60 20.26
C LYS B 337 15.44 -12.58 19.97
N ASP B 338 14.60 -12.81 20.97
CA ASP B 338 13.45 -13.70 20.81
C ASP B 338 12.48 -13.17 19.76
N ASN B 339 12.37 -11.84 19.67
CA ASN B 339 11.52 -11.21 18.67
C ASN B 339 11.93 -11.59 17.25
N TRP B 340 13.24 -11.51 16.99
CA TRP B 340 13.76 -11.84 15.67
C TRP B 340 13.67 -13.34 15.43
N ARG B 341 13.79 -14.10 16.51
CA ARG B 341 13.72 -15.56 16.45
C ARG B 341 12.34 -16.03 15.99
N SER B 342 11.31 -15.24 16.31
CA SER B 342 9.93 -15.60 15.97
C SER B 342 9.67 -15.49 14.47
N GLU B 343 10.57 -14.84 13.75
CA GLU B 343 10.43 -14.67 12.30
C GLU B 343 11.50 -15.44 11.52
N LEU B 344 12.65 -15.66 12.16
CA LEU B 344 13.78 -16.31 11.51
C LEU B 344 13.87 -17.80 11.81
N TYR B 345 12.87 -18.33 12.51
CA TYR B 345 12.89 -19.71 12.97
C TYR B 345 12.98 -20.72 11.82
N LYS B 346 12.48 -20.36 10.66
CA LYS B 346 12.39 -21.29 9.54
C LYS B 346 13.59 -21.19 8.59
N TYR B 347 14.56 -20.35 8.93
CA TYR B 347 15.71 -20.14 8.07
C TYR B 347 17.02 -20.61 8.70
N LYS B 348 17.98 -20.98 7.85
CA LYS B 348 19.34 -21.25 8.29
C LYS B 348 20.32 -21.10 7.12
N VAL B 349 21.54 -20.67 7.41
CA VAL B 349 22.54 -20.43 6.38
C VAL B 349 23.41 -21.65 6.14
N VAL B 350 23.63 -21.98 4.86
CA VAL B 350 24.54 -23.05 4.49
C VAL B 350 25.54 -22.57 3.43
N GLN B 351 26.73 -23.16 3.45
CA GLN B 351 27.79 -22.81 2.50
C GLN B 351 27.80 -23.85 1.38
N ILE B 352 27.82 -23.39 0.13
CA ILE B 352 27.66 -24.31 -0.99
C ILE B 352 29.00 -24.82 -1.56
N GLU B 353 29.04 -26.13 -1.82
CA GLU B 353 30.19 -26.74 -2.50
C GLU B 353 29.78 -27.23 -3.88
#